data_5GSC
#
_entry.id   5GSC
#
_cell.length_a   71.511
_cell.length_b   90.200
_cell.length_c   113.920
_cell.angle_alpha   90.00
_cell.angle_beta   90.00
_cell.angle_gamma   90.00
#
_symmetry.space_group_name_H-M   'P 21 21 21'
#
loop_
_entity.id
_entity.type
_entity.pdbx_description
1 polymer Beta-lactamase
2 non-polymer 'CADMIUM ION'
3 water water
#
_entity_poly.entity_id   1
_entity_poly.type   'polypeptide(L)'
_entity_poly.pdbx_seq_one_letter_code
;MHHHHHHGEASPVDPLRPVVDASIQPLLKEHRIPGMAVAVLKDGKAHYFNYGVANRESGAGVSEQTLFEIGSVSKTLTAT
LGAYAVVKGAMQLDDKASRHAPWLKGSAFDSITMGELATYSAGGLPLQFPEEVDSSEKMRAYYRQWAPVYSPGSHRQYSN
PSIGLFGHLAASSLKQPFAPLMEQTLLPGLGMHHTYVNVPKQAMASYAYGYSKEDKPIRVNPGMLADEAYGIKTSSADLL
RFVKANIGGVDDKALQQAISLTHQGHYSVGGMTQGLGWESYAYPVTEQTLLAGNSAKVILEANPTAAPRESGSQVLFNKT
GSTNGFGAYVAFVPARGIGIVMLANRNYPIEARIKAAHAILAQLAG
;
_entity_poly.pdbx_strand_id   A,B
#
loop_
_chem_comp.id
_chem_comp.type
_chem_comp.name
_chem_comp.formula
CD non-polymer 'CADMIUM ION' 'Cd 2'
#
# COMPACT_ATOMS: atom_id res chain seq x y z
N PRO A 15 -35.47 7.93 -8.37
CA PRO A 15 -35.62 6.78 -7.48
C PRO A 15 -34.26 6.30 -6.96
N LEU A 16 -33.42 5.86 -7.88
CA LEU A 16 -32.05 5.44 -7.55
C LEU A 16 -31.13 6.64 -7.26
N ARG A 17 -31.42 7.77 -7.90
CA ARG A 17 -30.56 8.95 -7.81
C ARG A 17 -30.18 9.35 -6.37
N PRO A 18 -31.17 9.51 -5.46
CA PRO A 18 -30.81 9.93 -4.10
C PRO A 18 -29.92 8.94 -3.36
N VAL A 19 -30.10 7.65 -3.64
CA VAL A 19 -29.33 6.61 -2.97
C VAL A 19 -27.86 6.67 -3.40
N VAL A 20 -27.65 6.84 -4.69
CA VAL A 20 -26.30 6.92 -5.24
C VAL A 20 -25.60 8.20 -4.78
N ASP A 21 -26.31 9.33 -4.87
CA ASP A 21 -25.82 10.62 -4.40
C ASP A 21 -25.38 10.60 -2.93
N ALA A 22 -26.17 9.97 -2.07
CA ALA A 22 -25.85 9.93 -0.65
C ALA A 22 -24.54 9.20 -0.40
N SER A 23 -24.23 8.19 -1.20
CA SER A 23 -22.97 7.45 -1.05
C SER A 23 -21.81 8.07 -1.81
N ILE A 24 -22.07 8.70 -2.96
CA ILE A 24 -20.96 9.20 -3.78
C ILE A 24 -20.54 10.63 -3.44
N GLN A 25 -21.50 11.50 -3.13
CA GLN A 25 -21.17 12.92 -2.90
C GLN A 25 -20.16 13.19 -1.75
N PRO A 26 -20.28 12.49 -0.61
CA PRO A 26 -19.25 12.70 0.42
C PRO A 26 -17.83 12.27 0.01
N LEU A 27 -17.75 11.24 -0.83
CA LEU A 27 -16.46 10.81 -1.39
C LEU A 27 -15.79 11.91 -2.18
N LEU A 28 -16.57 12.53 -3.06
CA LEU A 28 -16.05 13.57 -3.94
C LEU A 28 -15.47 14.71 -3.12
N LYS A 29 -16.19 15.06 -2.07
CA LYS A 29 -15.78 16.14 -1.20
C LYS A 29 -14.52 15.80 -0.41
N GLU A 30 -14.53 14.65 0.26
CA GLU A 30 -13.46 14.35 1.19
C GLU A 30 -12.13 14.12 0.49
N HIS A 31 -12.17 13.44 -0.65
CA HIS A 31 -10.94 13.12 -1.37
C HIS A 31 -10.69 14.02 -2.59
N ARG A 32 -11.46 15.11 -2.70
CA ARG A 32 -11.25 16.10 -3.77
C ARG A 32 -11.18 15.46 -5.16
N ILE A 33 -12.11 14.55 -5.42
CA ILE A 33 -12.15 13.83 -6.68
C ILE A 33 -12.69 14.77 -7.75
N PRO A 34 -11.91 15.02 -8.82
CA PRO A 34 -12.40 15.93 -9.85
C PRO A 34 -13.68 15.41 -10.50
N GLY A 35 -13.68 14.14 -10.90
CA GLY A 35 -14.83 13.60 -11.59
C GLY A 35 -15.02 12.13 -11.33
N MET A 36 -16.28 11.71 -11.38
CA MET A 36 -16.59 10.30 -11.27
C MET A 36 -17.80 9.95 -12.12
N ALA A 37 -17.66 8.87 -12.87
CA ALA A 37 -18.78 8.27 -13.60
C ALA A 37 -19.22 7.01 -12.88
N VAL A 38 -20.48 6.98 -12.46
CA VAL A 38 -21.02 5.84 -11.76
C VAL A 38 -22.11 5.25 -12.64
N ALA A 39 -22.14 3.93 -12.75
CA ALA A 39 -23.22 3.27 -13.49
C ALA A 39 -23.76 2.08 -12.70
N VAL A 40 -25.08 1.95 -12.69
CA VAL A 40 -25.72 0.91 -11.89
C VAL A 40 -26.63 0.09 -12.78
N LEU A 41 -26.48 -1.22 -12.69
CA LEU A 41 -27.35 -2.15 -13.39
C LEU A 41 -28.34 -2.72 -12.39
N LYS A 42 -29.63 -2.64 -12.69
CA LYS A 42 -30.63 -3.33 -11.89
C LYS A 42 -31.70 -3.95 -12.80
N ASP A 43 -31.73 -5.28 -12.84
CA ASP A 43 -32.62 -6.04 -13.72
C ASP A 43 -32.73 -5.48 -15.13
N GLY A 44 -31.63 -5.51 -15.88
CA GLY A 44 -31.66 -5.11 -17.27
C GLY A 44 -31.45 -3.62 -17.52
N LYS A 45 -31.84 -2.78 -16.56
CA LYS A 45 -31.79 -1.33 -16.74
C LYS A 45 -30.47 -0.71 -16.29
N ALA A 46 -29.84 0.03 -17.20
CA ALA A 46 -28.62 0.79 -16.91
C ALA A 46 -28.97 2.18 -16.39
N HIS A 47 -28.36 2.59 -15.27
CA HIS A 47 -28.56 3.93 -14.73
C HIS A 47 -27.21 4.64 -14.60
N TYR A 48 -27.13 5.83 -15.15
CA TYR A 48 -25.88 6.58 -15.16
C TYR A 48 -25.93 7.78 -14.22
N PHE A 49 -24.87 7.96 -13.45
CA PHE A 49 -24.76 9.06 -12.52
C PHE A 49 -23.38 9.67 -12.66
N ASN A 50 -23.34 10.91 -13.13
CA ASN A 50 -22.10 11.56 -13.52
C ASN A 50 -21.79 12.77 -12.67
N TYR A 51 -20.59 12.78 -12.11
CA TYR A 51 -20.21 13.86 -11.22
C TYR A 51 -18.96 14.55 -11.71
N GLY A 52 -19.02 15.88 -11.70
CA GLY A 52 -17.80 16.66 -11.80
C GLY A 52 -17.16 16.71 -13.17
N VAL A 53 -15.82 16.76 -13.16
CA VAL A 53 -15.04 17.20 -14.31
C VAL A 53 -13.99 16.15 -14.75
N ALA A 54 -13.96 15.87 -16.05
CA ALA A 54 -13.05 14.86 -16.60
C ALA A 54 -11.63 15.40 -16.84
N ASN A 55 -11.57 16.70 -17.14
CA ASN A 55 -10.34 17.34 -17.57
C ASN A 55 -10.35 18.78 -17.07
N ARG A 56 -9.60 19.03 -15.99
CA ARG A 56 -9.61 20.34 -15.34
C ARG A 56 -9.07 21.41 -16.27
N GLU A 57 -8.16 21.04 -17.16
CA GLU A 57 -7.52 22.03 -18.02
C GLU A 57 -8.44 22.50 -19.15
N SER A 58 -9.19 21.58 -19.75
CA SER A 58 -10.13 21.95 -20.81
C SER A 58 -11.52 22.26 -20.25
N GLY A 59 -11.78 21.78 -19.05
CA GLY A 59 -13.05 22.03 -18.39
C GLY A 59 -14.16 21.07 -18.81
N ALA A 60 -13.80 19.99 -19.50
CA ALA A 60 -14.79 19.02 -19.98
C ALA A 60 -15.39 18.24 -18.81
N GLY A 61 -16.72 18.11 -18.80
CA GLY A 61 -17.42 17.43 -17.74
C GLY A 61 -17.42 15.93 -17.93
N VAL A 62 -17.74 15.20 -16.86
CA VAL A 62 -17.86 13.74 -16.94
C VAL A 62 -19.24 13.31 -17.45
N SER A 63 -19.25 12.38 -18.40
CA SER A 63 -20.47 11.68 -18.83
C SER A 63 -20.23 10.17 -18.81
N GLU A 64 -21.26 9.36 -19.10
CA GLU A 64 -21.09 7.93 -19.15
C GLU A 64 -20.29 7.51 -20.39
N GLN A 65 -19.90 8.48 -21.21
CA GLN A 65 -19.06 8.20 -22.38
C GLN A 65 -17.59 8.65 -22.21
N THR A 66 -17.29 9.30 -21.09
CA THR A 66 -15.92 9.70 -20.77
C THR A 66 -14.99 8.48 -20.61
N LEU A 67 -13.78 8.53 -21.16
CA LEU A 67 -12.81 7.44 -20.99
C LEU A 67 -11.96 7.62 -19.72
N PHE A 68 -11.95 6.59 -18.87
CA PHE A 68 -11.10 6.56 -17.69
C PHE A 68 -10.09 5.42 -17.81
N GLU A 69 -8.90 5.60 -17.24
CA GLU A 69 -8.00 4.48 -17.03
C GLU A 69 -8.60 3.59 -15.93
N ILE A 70 -8.63 2.29 -16.12
CA ILE A 70 -9.23 1.46 -15.08
C ILE A 70 -8.21 0.56 -14.38
N GLY A 71 -6.96 0.69 -14.78
CA GLY A 71 -5.89 -0.03 -14.10
C GLY A 71 -6.14 -1.52 -14.06
N SER A 72 -5.96 -2.13 -12.87
CA SER A 72 -6.11 -3.57 -12.72
C SER A 72 -7.50 -4.13 -13.01
N VAL A 73 -8.52 -3.29 -13.19
CA VAL A 73 -9.79 -3.82 -13.67
C VAL A 73 -9.57 -4.42 -15.08
N SER A 74 -8.54 -3.95 -15.77
CA SER A 74 -8.11 -4.55 -17.05
C SER A 74 -7.91 -6.07 -16.98
N LYS A 75 -7.47 -6.53 -15.82
CA LYS A 75 -7.16 -7.94 -15.63
C LYS A 75 -8.39 -8.84 -15.81
N THR A 76 -9.60 -8.29 -15.61
CA THR A 76 -10.79 -9.10 -15.83
C THR A 76 -11.02 -9.32 -17.33
N LEU A 77 -10.60 -8.36 -18.13
CA LEU A 77 -10.71 -8.48 -19.58
C LEU A 77 -9.62 -9.39 -20.12
N THR A 78 -8.41 -9.23 -19.59
CA THR A 78 -7.31 -10.15 -19.91
C THR A 78 -7.71 -11.58 -19.55
N ALA A 79 -8.35 -11.76 -18.40
CA ALA A 79 -8.78 -13.09 -17.98
C ALA A 79 -9.81 -13.64 -18.98
N THR A 80 -10.63 -12.74 -19.51
CA THR A 80 -11.68 -13.15 -20.40
C THR A 80 -11.06 -13.58 -21.74
N LEU A 81 -10.02 -12.86 -22.17
CA LEU A 81 -9.30 -13.25 -23.38
C LEU A 81 -8.58 -14.60 -23.20
N GLY A 82 -8.02 -14.84 -22.03
CA GLY A 82 -7.36 -16.11 -21.77
C GLY A 82 -8.36 -17.26 -21.81
N ALA A 83 -9.53 -17.03 -21.22
CA ALA A 83 -10.61 -18.00 -21.17
C ALA A 83 -11.15 -18.28 -22.56
N TYR A 84 -11.13 -17.25 -23.40
CA TYR A 84 -11.54 -17.38 -24.79
C TYR A 84 -10.56 -18.29 -25.54
N ALA A 85 -9.27 -18.14 -25.25
CA ALA A 85 -8.25 -19.03 -25.81
C ALA A 85 -8.50 -20.49 -25.36
N VAL A 86 -8.89 -20.68 -24.10
CA VAL A 86 -9.23 -22.01 -23.62
C VAL A 86 -10.44 -22.59 -24.36
N VAL A 87 -11.52 -21.81 -24.45
CA VAL A 87 -12.75 -22.28 -25.09
C VAL A 87 -12.47 -22.66 -26.54
N LYS A 88 -11.58 -21.91 -27.18
CA LYS A 88 -11.20 -22.12 -28.57
C LYS A 88 -10.23 -23.30 -28.75
N GLY A 89 -9.82 -23.92 -27.64
CA GLY A 89 -8.93 -25.07 -27.69
C GLY A 89 -7.49 -24.72 -28.03
N ALA A 90 -7.13 -23.45 -27.87
CA ALA A 90 -5.79 -22.99 -28.20
C ALA A 90 -4.83 -23.22 -27.02
N MET A 91 -5.40 -23.33 -25.82
CA MET A 91 -4.61 -23.61 -24.63
C MET A 91 -5.51 -24.18 -23.56
N GLN A 92 -4.90 -24.71 -22.52
CA GLN A 92 -5.65 -25.14 -21.34
C GLN A 92 -5.03 -24.52 -20.11
N LEU A 93 -5.82 -24.35 -19.05
CA LEU A 93 -5.28 -23.74 -17.84
C LEU A 93 -4.19 -24.61 -17.21
N ASP A 94 -4.23 -25.92 -17.42
CA ASP A 94 -3.20 -26.75 -16.80
C ASP A 94 -1.96 -26.95 -17.70
N ASP A 95 -1.94 -26.31 -18.86
CA ASP A 95 -0.72 -26.26 -19.67
C ASP A 95 0.42 -25.62 -18.90
N LYS A 96 1.61 -26.19 -19.03
CA LYS A 96 2.82 -25.52 -18.59
C LYS A 96 3.00 -24.24 -19.39
N ALA A 97 3.45 -23.17 -18.75
CA ALA A 97 3.61 -21.91 -19.44
C ALA A 97 4.57 -22.03 -20.63
N SER A 98 5.62 -22.84 -20.49
CA SER A 98 6.62 -22.98 -21.55
C SER A 98 6.08 -23.69 -22.79
N ARG A 99 4.92 -24.32 -22.67
CA ARG A 99 4.29 -24.93 -23.83
C ARG A 99 3.93 -23.86 -24.85
N HIS A 100 3.67 -22.66 -24.35
CA HIS A 100 3.22 -21.57 -25.20
C HIS A 100 4.30 -20.54 -25.46
N ALA A 101 5.52 -20.84 -25.01
CA ALA A 101 6.65 -19.95 -25.23
C ALA A 101 7.96 -20.73 -25.26
N PRO A 102 8.42 -21.08 -26.47
CA PRO A 102 9.69 -21.79 -26.66
C PRO A 102 10.85 -21.23 -25.83
N TRP A 103 10.92 -19.90 -25.68
CA TRP A 103 12.00 -19.26 -24.94
C TRP A 103 11.95 -19.54 -23.44
N LEU A 104 10.85 -20.13 -22.95
CA LEU A 104 10.75 -20.45 -21.53
C LEU A 104 11.12 -21.89 -21.19
N LYS A 105 11.29 -22.72 -22.22
CA LYS A 105 11.73 -24.11 -22.04
C LYS A 105 13.05 -24.15 -21.26
N GLY A 106 13.14 -25.00 -20.24
CA GLY A 106 14.35 -25.13 -19.47
C GLY A 106 14.40 -24.24 -18.24
N SER A 107 13.31 -23.53 -17.97
CA SER A 107 13.24 -22.63 -16.81
C SER A 107 12.22 -23.15 -15.80
N ALA A 108 12.03 -22.42 -14.70
CA ALA A 108 11.02 -22.77 -13.70
C ALA A 108 9.63 -22.87 -14.33
N PHE A 109 9.45 -22.24 -15.49
CA PHE A 109 8.12 -22.19 -16.10
C PHE A 109 7.80 -23.46 -16.88
N ASP A 110 8.69 -24.44 -16.82
CA ASP A 110 8.36 -25.79 -17.27
C ASP A 110 7.45 -26.48 -16.26
N SER A 111 7.36 -25.93 -15.05
CA SER A 111 6.58 -26.57 -13.99
C SER A 111 5.48 -25.67 -13.42
N ILE A 112 5.23 -24.53 -14.08
CA ILE A 112 4.25 -23.56 -13.65
C ILE A 112 3.14 -23.47 -14.70
N THR A 113 1.89 -23.55 -14.29
CA THR A 113 0.80 -23.60 -15.28
C THR A 113 0.24 -22.21 -15.64
N MET A 114 -0.44 -22.17 -16.79
CA MET A 114 -1.11 -20.97 -17.25
C MET A 114 -2.12 -20.47 -16.21
N GLY A 115 -2.88 -21.41 -15.65
CA GLY A 115 -3.83 -21.09 -14.61
C GLY A 115 -3.17 -20.46 -13.39
N GLU A 116 -2.00 -20.96 -13.01
CA GLU A 116 -1.30 -20.43 -11.85
C GLU A 116 -0.84 -19.00 -12.10
N LEU A 117 -0.46 -18.71 -13.34
CA LEU A 117 -0.06 -17.36 -13.71
C LEU A 117 -1.26 -16.43 -13.61
N ALA A 118 -2.40 -16.91 -14.10
CA ALA A 118 -3.63 -16.12 -14.16
C ALA A 118 -4.13 -15.74 -12.77
N THR A 119 -3.86 -16.62 -11.79
CA THR A 119 -4.36 -16.43 -10.44
C THR A 119 -3.26 -16.03 -9.44
N TYR A 120 -2.12 -15.56 -9.95
CA TYR A 120 -1.02 -15.04 -9.12
C TYR A 120 -0.44 -16.09 -8.15
N SER A 121 -0.52 -17.37 -8.50
CA SER A 121 -0.10 -18.39 -7.57
C SER A 121 1.07 -19.23 -8.11
N ALA A 122 1.82 -18.65 -9.06
CA ALA A 122 2.92 -19.34 -9.71
C ALA A 122 4.09 -19.56 -8.76
N GLY A 123 4.17 -18.78 -7.69
CA GLY A 123 5.24 -19.00 -6.72
C GLY A 123 5.98 -17.74 -6.31
N GLY A 124 5.30 -16.60 -6.37
CA GLY A 124 5.82 -15.39 -5.79
C GLY A 124 6.40 -14.39 -6.76
N LEU A 125 5.94 -14.40 -8.02
CA LEU A 125 6.23 -13.28 -8.90
C LEU A 125 5.77 -11.99 -8.23
N PRO A 126 6.58 -10.93 -8.30
CA PRO A 126 6.34 -9.70 -7.54
C PRO A 126 5.25 -8.81 -8.16
N LEU A 127 4.81 -7.81 -7.42
CA LEU A 127 3.74 -6.93 -7.86
C LEU A 127 4.05 -6.28 -9.22
N GLN A 128 5.29 -5.81 -9.36
CA GLN A 128 5.68 -5.04 -10.55
C GLN A 128 6.96 -5.61 -11.15
N PHE A 129 7.15 -5.45 -12.46
CA PHE A 129 8.48 -5.67 -13.05
C PHE A 129 9.49 -4.72 -12.41
N PRO A 130 10.72 -5.20 -12.19
CA PRO A 130 11.82 -4.28 -11.91
C PRO A 130 11.92 -3.18 -12.97
N GLU A 131 12.41 -2.02 -12.55
CA GLU A 131 12.46 -0.85 -13.42
C GLU A 131 13.27 -1.09 -14.70
N GLU A 132 14.29 -1.94 -14.62
CA GLU A 132 15.17 -2.16 -15.77
C GLU A 132 14.53 -3.02 -16.85
N VAL A 133 13.39 -3.63 -16.55
CA VAL A 133 12.72 -4.47 -17.56
C VAL A 133 11.89 -3.57 -18.47
N ASP A 134 12.48 -3.12 -19.57
CA ASP A 134 11.80 -2.14 -20.40
C ASP A 134 11.91 -2.47 -21.89
N SER A 135 12.10 -3.74 -22.19
CA SER A 135 12.11 -4.24 -23.56
C SER A 135 11.67 -5.69 -23.51
N SER A 136 11.27 -6.25 -24.65
CA SER A 136 10.91 -7.66 -24.67
C SER A 136 12.11 -8.56 -24.37
N GLU A 137 13.29 -8.13 -24.83
CA GLU A 137 14.51 -8.89 -24.56
C GLU A 137 14.77 -8.97 -23.05
N LYS A 138 14.67 -7.84 -22.35
CA LYS A 138 14.88 -7.83 -20.91
C LYS A 138 13.75 -8.55 -20.17
N MET A 139 12.54 -8.50 -20.75
CA MET A 139 11.40 -9.17 -20.14
C MET A 139 11.57 -10.68 -20.16
N ARG A 140 12.00 -11.20 -21.31
CA ARG A 140 12.28 -12.63 -21.39
C ARG A 140 13.36 -13.01 -20.40
N ALA A 141 14.44 -12.21 -20.33
CA ALA A 141 15.54 -12.47 -19.40
C ALA A 141 15.08 -12.45 -17.95
N TYR A 142 14.17 -11.54 -17.63
CA TYR A 142 13.63 -11.44 -16.27
C TYR A 142 12.96 -12.77 -15.83
N TYR A 143 12.07 -13.31 -16.66
CA TYR A 143 11.41 -14.55 -16.30
C TYR A 143 12.40 -15.72 -16.21
N ARG A 144 13.41 -15.72 -17.07
CA ARG A 144 14.38 -16.83 -17.08
C ARG A 144 15.26 -16.80 -15.84
N GLN A 145 15.51 -15.59 -15.33
CA GLN A 145 16.40 -15.36 -14.19
C GLN A 145 15.65 -15.56 -12.87
N TRP A 146 14.33 -15.42 -12.92
CA TRP A 146 13.48 -15.45 -11.72
C TRP A 146 13.56 -16.76 -10.94
N ALA A 147 13.89 -16.63 -9.65
CA ALA A 147 13.94 -17.75 -8.72
C ALA A 147 12.63 -17.88 -7.94
N PRO A 148 11.95 -19.00 -8.11
CA PRO A 148 10.67 -19.26 -7.41
C PRO A 148 10.83 -19.10 -5.90
N VAL A 149 9.88 -18.40 -5.28
CA VAL A 149 9.92 -18.20 -3.84
C VAL A 149 9.10 -19.29 -3.15
N TYR A 150 7.97 -19.64 -3.76
CA TYR A 150 7.08 -20.64 -3.19
C TYR A 150 6.83 -21.73 -4.22
N SER A 151 6.42 -22.91 -3.76
CA SER A 151 5.99 -23.96 -4.68
C SER A 151 4.71 -23.51 -5.39
N PRO A 152 4.53 -23.96 -6.64
CA PRO A 152 3.38 -23.52 -7.43
C PRO A 152 2.06 -23.79 -6.72
N GLY A 153 1.15 -22.81 -6.71
CA GLY A 153 -0.18 -23.01 -6.19
C GLY A 153 -0.34 -22.82 -4.68
N SER A 154 0.78 -22.70 -3.96
CA SER A 154 0.73 -22.63 -2.51
C SER A 154 0.48 -21.22 -1.96
N HIS A 155 0.85 -20.19 -2.71
CA HIS A 155 0.66 -18.81 -2.25
C HIS A 155 0.13 -17.88 -3.32
N ARG A 156 -0.69 -16.92 -2.89
CA ARG A 156 -1.14 -15.84 -3.76
C ARG A 156 -0.29 -14.60 -3.53
N GLN A 157 0.33 -14.12 -4.60
CA GLN A 157 1.04 -12.86 -4.56
C GLN A 157 0.60 -12.04 -5.75
N TYR A 158 -0.24 -11.04 -5.50
CA TYR A 158 -0.81 -10.21 -6.56
C TYR A 158 0.31 -9.64 -7.43
N SER A 159 0.19 -9.79 -8.73
CA SER A 159 1.37 -9.61 -9.58
C SER A 159 1.03 -9.26 -11.02
N ASN A 160 1.57 -8.13 -11.48
CA ASN A 160 1.43 -7.75 -12.87
C ASN A 160 2.27 -8.62 -13.82
N PRO A 161 3.55 -8.94 -13.46
CA PRO A 161 4.25 -9.93 -14.29
C PRO A 161 3.53 -11.27 -14.44
N SER A 162 2.80 -11.70 -13.41
CA SER A 162 2.09 -12.99 -13.43
C SER A 162 0.91 -13.01 -14.41
N ILE A 163 -0.11 -12.21 -14.14
CA ILE A 163 -1.28 -12.17 -15.03
C ILE A 163 -0.87 -11.58 -16.38
N GLY A 164 0.16 -10.72 -16.37
CA GLY A 164 0.67 -10.15 -17.60
C GLY A 164 1.21 -11.23 -18.54
N LEU A 165 2.02 -12.13 -18.01
CA LEU A 165 2.54 -13.20 -18.84
C LEU A 165 1.41 -14.10 -19.31
N PHE A 166 0.43 -14.35 -18.43
CA PHE A 166 -0.73 -15.18 -18.82
C PHE A 166 -1.44 -14.64 -20.06
N GLY A 167 -1.75 -13.34 -20.05
CA GLY A 167 -2.43 -12.72 -21.17
C GLY A 167 -1.57 -12.73 -22.43
N HIS A 168 -0.27 -12.54 -22.23
CA HIS A 168 0.66 -12.52 -23.35
C HIS A 168 0.74 -13.86 -24.07
N LEU A 169 0.85 -14.93 -23.29
CA LEU A 169 0.95 -16.27 -23.83
C LEU A 169 -0.40 -16.74 -24.38
N ALA A 170 -1.48 -16.31 -23.76
CA ALA A 170 -2.82 -16.64 -24.27
C ALA A 170 -3.05 -16.07 -25.67
N ALA A 171 -2.65 -14.82 -25.87
CA ALA A 171 -2.74 -14.19 -27.19
C ALA A 171 -1.81 -14.90 -28.17
N SER A 172 -0.63 -15.27 -27.67
CA SER A 172 0.32 -16.05 -28.46
C SER A 172 -0.30 -17.38 -28.92
N SER A 173 -1.05 -18.04 -28.03
CA SER A 173 -1.68 -19.31 -28.40
C SER A 173 -2.74 -19.12 -29.51
N LEU A 174 -3.29 -17.92 -29.61
CA LEU A 174 -4.28 -17.62 -30.65
C LEU A 174 -3.63 -16.97 -31.87
N LYS A 175 -2.31 -16.93 -31.87
CA LYS A 175 -1.51 -16.46 -33.01
C LYS A 175 -1.78 -15.01 -33.41
N GLN A 176 -2.18 -14.19 -32.44
CA GLN A 176 -2.35 -12.76 -32.64
C GLN A 176 -1.68 -11.97 -31.52
N PRO A 177 -1.13 -10.79 -31.85
CA PRO A 177 -0.63 -9.88 -30.82
C PRO A 177 -1.78 -9.43 -29.90
N PHE A 178 -1.46 -9.20 -28.64
CA PHE A 178 -2.50 -9.00 -27.62
C PHE A 178 -3.40 -7.80 -27.92
N ALA A 179 -2.79 -6.63 -28.14
CA ALA A 179 -3.57 -5.41 -28.32
C ALA A 179 -4.57 -5.52 -29.49
N PRO A 180 -4.13 -5.98 -30.69
CA PRO A 180 -5.16 -6.11 -31.73
C PRO A 180 -6.19 -7.22 -31.47
N LEU A 181 -5.80 -8.31 -30.83
CA LEU A 181 -6.74 -9.37 -30.49
C LEU A 181 -7.83 -8.79 -29.59
N MET A 182 -7.42 -8.00 -28.60
CA MET A 182 -8.35 -7.37 -27.68
C MET A 182 -9.26 -6.38 -28.38
N GLU A 183 -8.66 -5.44 -29.11
CA GLU A 183 -9.43 -4.34 -29.68
C GLU A 183 -10.27 -4.77 -30.88
N GLN A 184 -9.85 -5.83 -31.58
CA GLN A 184 -10.53 -6.23 -32.81
C GLN A 184 -11.40 -7.49 -32.67
N THR A 185 -11.13 -8.34 -31.69
CA THR A 185 -11.96 -9.54 -31.50
C THR A 185 -12.76 -9.52 -30.18
N LEU A 186 -12.09 -9.42 -29.04
CA LEU A 186 -12.79 -9.58 -27.76
C LEU A 186 -13.70 -8.41 -27.43
N LEU A 187 -13.16 -7.19 -27.46
CA LEU A 187 -13.93 -6.03 -27.03
C LEU A 187 -15.15 -5.77 -27.93
N PRO A 188 -14.97 -5.70 -29.27
CA PRO A 188 -16.20 -5.57 -30.08
C PRO A 188 -17.11 -6.78 -29.94
N GLY A 189 -16.58 -7.96 -29.60
CA GLY A 189 -17.39 -9.13 -29.36
C GLY A 189 -18.29 -8.96 -28.14
N LEU A 190 -17.84 -8.14 -27.21
CA LEU A 190 -18.60 -7.82 -26.00
C LEU A 190 -19.45 -6.57 -26.22
N GLY A 191 -19.37 -6.01 -27.43
CA GLY A 191 -20.09 -4.77 -27.75
C GLY A 191 -19.49 -3.55 -27.07
N MET A 192 -18.20 -3.62 -26.78
CA MET A 192 -17.50 -2.52 -26.12
C MET A 192 -16.66 -1.73 -27.13
N HIS A 193 -17.29 -0.77 -27.81
CA HIS A 193 -16.65 -0.08 -28.93
C HIS A 193 -15.95 1.20 -28.53
N HIS A 194 -16.03 1.52 -27.25
CA HIS A 194 -15.31 2.68 -26.72
C HIS A 194 -14.43 2.22 -25.58
N THR A 195 -13.82 1.07 -25.77
CA THR A 195 -12.89 0.48 -24.82
C THR A 195 -11.60 0.26 -25.58
N TYR A 196 -10.47 0.71 -25.03
CA TYR A 196 -9.22 0.69 -25.78
C TYR A 196 -8.03 0.26 -24.96
N VAL A 197 -7.10 -0.42 -25.62
CA VAL A 197 -5.74 -0.56 -25.13
C VAL A 197 -4.95 0.71 -25.50
N ASN A 198 -5.15 1.16 -26.73
CA ASN A 198 -4.55 2.40 -27.21
C ASN A 198 -5.64 3.35 -27.72
N VAL A 199 -5.77 4.52 -27.10
CA VAL A 199 -6.85 5.43 -27.46
C VAL A 199 -6.53 6.15 -28.76
N PRO A 200 -7.38 5.99 -29.78
CA PRO A 200 -7.13 6.60 -31.09
C PRO A 200 -7.46 8.08 -31.10
N LYS A 201 -7.02 8.78 -32.15
CA LYS A 201 -7.17 10.22 -32.22
C LYS A 201 -8.64 10.66 -32.09
N GLN A 202 -9.54 9.95 -32.76
CA GLN A 202 -10.94 10.35 -32.81
C GLN A 202 -11.60 10.32 -31.43
N ALA A 203 -10.99 9.60 -30.49
CA ALA A 203 -11.56 9.46 -29.16
C ALA A 203 -10.77 10.19 -28.06
N MET A 204 -9.70 10.89 -28.44
CA MET A 204 -8.86 11.56 -27.43
C MET A 204 -9.61 12.65 -26.68
N ALA A 205 -10.57 13.29 -27.34
CA ALA A 205 -11.38 14.31 -26.66
C ALA A 205 -12.16 13.71 -25.48
N SER A 206 -12.54 12.45 -25.61
CA SER A 206 -13.31 11.74 -24.58
C SER A 206 -12.48 11.25 -23.37
N TYR A 207 -11.16 11.32 -23.52
CA TYR A 207 -10.22 10.71 -22.55
C TYR A 207 -9.91 11.68 -21.41
N ALA A 208 -10.35 11.33 -20.20
CA ALA A 208 -10.05 12.14 -19.02
C ALA A 208 -8.56 12.25 -18.71
N TYR A 209 -8.20 13.26 -17.92
CA TYR A 209 -6.90 13.27 -17.27
C TYR A 209 -7.06 12.79 -15.84
N GLY A 210 -6.05 12.08 -15.34
CA GLY A 210 -6.01 11.73 -13.94
C GLY A 210 -5.25 12.79 -13.17
N TYR A 211 -5.47 12.87 -11.85
CA TYR A 211 -4.83 13.88 -11.01
C TYR A 211 -4.15 13.25 -9.80
N SER A 212 -2.88 13.62 -9.62
CA SER A 212 -2.01 13.05 -8.60
C SER A 212 -2.21 13.68 -7.22
N LYS A 213 -1.47 13.19 -6.23
CA LYS A 213 -1.43 13.80 -4.90
C LYS A 213 -1.04 15.29 -4.99
N GLU A 214 -0.31 15.64 -6.04
CA GLU A 214 0.12 17.01 -6.32
C GLU A 214 -0.92 17.82 -7.12
N ASP A 215 -2.00 17.16 -7.53
CA ASP A 215 -3.04 17.78 -8.36
C ASP A 215 -2.52 18.20 -9.74
N LYS A 216 -1.59 17.42 -10.27
CA LYS A 216 -1.11 17.59 -11.65
C LYS A 216 -1.83 16.60 -12.56
N PRO A 217 -2.14 17.03 -13.80
CA PRO A 217 -2.77 16.11 -14.74
C PRO A 217 -1.80 15.04 -15.21
N ILE A 218 -2.19 13.78 -15.14
CA ILE A 218 -1.31 12.69 -15.55
C ILE A 218 -2.07 11.58 -16.25
N ARG A 219 -1.36 10.82 -17.06
CA ARG A 219 -1.92 9.62 -17.63
C ARG A 219 -0.94 8.47 -17.48
N VAL A 220 -1.42 7.26 -17.69
CA VAL A 220 -0.63 6.06 -17.46
C VAL A 220 0.63 6.05 -18.36
N ASN A 221 1.75 5.63 -17.77
CA ASN A 221 2.99 5.50 -18.53
C ASN A 221 3.13 4.11 -19.13
N PRO A 222 3.58 4.04 -20.39
CA PRO A 222 3.82 2.71 -20.96
C PRO A 222 4.78 1.90 -20.08
N GLY A 223 4.64 0.58 -20.08
CA GLY A 223 5.45 -0.31 -19.27
C GLY A 223 5.34 -1.69 -19.86
N MET A 224 6.23 -2.61 -19.50
CA MET A 224 6.19 -3.93 -20.15
C MET A 224 4.93 -4.68 -19.72
N LEU A 225 4.22 -5.24 -20.71
CA LEU A 225 2.95 -5.92 -20.51
C LEU A 225 1.85 -5.03 -19.87
N ALA A 226 1.97 -3.71 -20.03
CA ALA A 226 0.94 -2.78 -19.54
C ALA A 226 -0.42 -3.12 -20.14
N ASP A 227 -0.44 -3.44 -21.44
CA ASP A 227 -1.69 -3.76 -22.14
C ASP A 227 -2.44 -4.88 -21.42
N GLU A 228 -1.69 -5.92 -21.08
CA GLU A 228 -2.26 -7.13 -20.48
C GLU A 228 -2.67 -6.93 -19.01
N ALA A 229 -1.94 -6.11 -18.27
CA ALA A 229 -2.14 -6.05 -16.81
C ALA A 229 -2.92 -4.84 -16.30
N TYR A 230 -2.78 -3.68 -16.94
CA TYR A 230 -3.42 -2.48 -16.41
C TYR A 230 -3.69 -1.38 -17.46
N GLY A 231 -3.73 -1.75 -18.73
CA GLY A 231 -3.76 -0.72 -19.76
C GLY A 231 -5.07 -0.28 -20.38
N ILE A 232 -6.20 -0.82 -19.93
CA ILE A 232 -7.48 -0.51 -20.58
C ILE A 232 -8.00 0.89 -20.24
N LYS A 233 -8.45 1.61 -21.27
CA LYS A 233 -9.25 2.81 -21.09
C LYS A 233 -10.70 2.53 -21.48
N THR A 234 -11.66 2.93 -20.66
CA THR A 234 -13.06 2.65 -20.96
C THR A 234 -14.01 3.66 -20.31
N SER A 235 -15.27 3.60 -20.71
CA SER A 235 -16.32 4.45 -20.16
C SER A 235 -17.15 3.65 -19.16
N SER A 236 -17.89 4.36 -18.31
CA SER A 236 -18.81 3.69 -17.38
C SER A 236 -19.85 2.91 -18.18
N ALA A 237 -20.27 3.45 -19.32
CA ALA A 237 -21.27 2.75 -20.14
C ALA A 237 -20.73 1.42 -20.70
N ASP A 238 -19.54 1.45 -21.29
CA ASP A 238 -18.94 0.23 -21.84
C ASP A 238 -18.66 -0.81 -20.73
N LEU A 239 -18.18 -0.34 -19.58
CA LEU A 239 -17.87 -1.27 -18.49
C LEU A 239 -19.16 -1.85 -17.91
N LEU A 240 -20.24 -1.07 -17.85
CA LEU A 240 -21.51 -1.63 -17.39
C LEU A 240 -22.02 -2.67 -18.39
N ARG A 241 -21.70 -2.50 -19.68
CA ARG A 241 -22.06 -3.51 -20.67
C ARG A 241 -21.36 -4.84 -20.38
N PHE A 242 -20.09 -4.74 -19.97
CA PHE A 242 -19.30 -5.90 -19.59
C PHE A 242 -19.92 -6.62 -18.42
N VAL A 243 -20.33 -5.85 -17.41
CA VAL A 243 -21.02 -6.39 -16.26
C VAL A 243 -22.32 -7.11 -16.67
N LYS A 244 -23.07 -6.49 -17.57
CA LYS A 244 -24.32 -7.07 -18.06
C LYS A 244 -24.01 -8.40 -18.79
N ALA A 245 -22.91 -8.44 -19.53
CA ALA A 245 -22.47 -9.68 -20.17
C ALA A 245 -22.14 -10.73 -19.11
N ASN A 246 -21.55 -10.28 -18.01
CA ASN A 246 -21.24 -11.19 -16.90
C ASN A 246 -22.48 -11.66 -16.13
N ILE A 247 -23.57 -10.92 -16.23
CA ILE A 247 -24.79 -11.31 -15.51
C ILE A 247 -25.76 -12.08 -16.41
N GLY A 248 -26.33 -11.38 -17.38
CA GLY A 248 -27.16 -12.03 -18.39
C GLY A 248 -26.31 -12.05 -19.63
N GLY A 249 -25.69 -13.20 -19.89
CA GLY A 249 -24.62 -13.34 -20.86
C GLY A 249 -24.74 -12.81 -22.27
N VAL A 250 -24.02 -13.45 -23.18
CA VAL A 250 -23.95 -12.99 -24.56
C VAL A 250 -24.51 -14.03 -25.51
N ASP A 251 -24.85 -13.59 -26.72
CA ASP A 251 -25.40 -14.50 -27.72
C ASP A 251 -24.31 -15.40 -28.32
N ASP A 252 -23.09 -14.89 -28.46
CA ASP A 252 -21.98 -15.73 -28.92
C ASP A 252 -21.66 -16.77 -27.85
N LYS A 253 -21.79 -18.05 -28.21
CA LYS A 253 -21.66 -19.12 -27.23
C LYS A 253 -20.20 -19.34 -26.78
N ALA A 254 -19.23 -19.10 -27.64
CA ALA A 254 -17.83 -19.22 -27.23
C ALA A 254 -17.48 -18.12 -26.22
N LEU A 255 -17.94 -16.91 -26.51
CA LEU A 255 -17.75 -15.79 -25.60
C LEU A 255 -18.49 -16.03 -24.28
N GLN A 256 -19.66 -16.66 -24.36
CA GLN A 256 -20.43 -16.98 -23.17
C GLN A 256 -19.70 -17.98 -22.28
N GLN A 257 -19.09 -18.99 -22.90
CA GLN A 257 -18.35 -20.00 -22.18
C GLN A 257 -17.11 -19.39 -21.51
N ALA A 258 -16.42 -18.53 -22.24
CA ALA A 258 -15.23 -17.88 -21.73
C ALA A 258 -15.57 -17.05 -20.49
N ILE A 259 -16.66 -16.27 -20.58
CA ILE A 259 -17.10 -15.46 -19.44
C ILE A 259 -17.41 -16.36 -18.25
N SER A 260 -18.07 -17.48 -18.50
CA SER A 260 -18.42 -18.38 -17.39
C SER A 260 -17.18 -18.95 -16.72
N LEU A 261 -16.14 -19.21 -17.51
CA LEU A 261 -14.88 -19.71 -16.93
C LEU A 261 -14.32 -18.74 -15.88
N THR A 262 -14.50 -17.44 -16.10
CA THR A 262 -13.92 -16.44 -15.21
C THR A 262 -14.65 -16.32 -13.87
N HIS A 263 -15.78 -17.02 -13.72
CA HIS A 263 -16.51 -16.99 -12.45
C HIS A 263 -16.21 -18.19 -11.56
N GLN A 264 -15.40 -19.12 -12.05
CA GLN A 264 -15.10 -20.32 -11.27
C GLN A 264 -14.03 -20.03 -10.22
N GLY A 265 -14.24 -20.53 -9.01
CA GLY A 265 -13.29 -20.31 -7.94
C GLY A 265 -12.11 -21.29 -7.95
N HIS A 266 -10.90 -20.76 -7.90
CA HIS A 266 -9.73 -21.63 -7.93
C HIS A 266 -9.15 -21.89 -6.54
N TYR A 267 -9.17 -20.89 -5.67
CA TYR A 267 -8.74 -21.07 -4.28
C TYR A 267 -9.22 -19.88 -3.52
N SER A 268 -9.10 -19.94 -2.20
CA SER A 268 -9.50 -18.78 -1.41
C SER A 268 -8.38 -18.25 -0.55
N VAL A 269 -8.55 -16.98 -0.15
CA VAL A 269 -7.72 -16.32 0.84
C VAL A 269 -8.70 -15.60 1.76
N GLY A 270 -8.84 -16.08 3.00
CA GLY A 270 -9.84 -15.53 3.89
C GLY A 270 -11.22 -15.77 3.31
N GLY A 271 -12.05 -14.73 3.31
CA GLY A 271 -13.38 -14.83 2.73
C GLY A 271 -13.42 -14.49 1.24
N MET A 272 -12.26 -14.25 0.63
CA MET A 272 -12.18 -13.96 -0.80
C MET A 272 -11.79 -15.22 -1.59
N THR A 273 -12.45 -15.41 -2.73
CA THR A 273 -12.12 -16.52 -3.62
C THR A 273 -11.56 -15.98 -4.94
N GLN A 274 -10.38 -16.48 -5.30
CA GLN A 274 -9.73 -16.06 -6.54
C GLN A 274 -10.19 -16.87 -7.75
N GLY A 275 -10.67 -16.18 -8.78
CA GLY A 275 -10.94 -16.79 -10.06
C GLY A 275 -10.03 -16.19 -11.11
N LEU A 276 -10.44 -16.28 -12.38
CA LEU A 276 -9.72 -15.62 -13.46
C LEU A 276 -10.16 -14.17 -13.53
N GLY A 277 -9.30 -13.27 -13.05
CA GLY A 277 -9.62 -11.85 -13.04
C GLY A 277 -10.51 -11.47 -11.87
N TRP A 278 -11.75 -11.95 -11.89
CA TRP A 278 -12.69 -11.60 -10.82
C TRP A 278 -12.35 -12.30 -9.51
N GLU A 279 -12.58 -11.58 -8.41
CA GLU A 279 -12.48 -12.14 -7.07
C GLU A 279 -13.89 -12.16 -6.49
N SER A 280 -14.25 -13.21 -5.76
CA SER A 280 -15.64 -13.37 -5.38
C SER A 280 -15.85 -13.67 -3.91
N TYR A 281 -17.08 -13.45 -3.46
CA TYR A 281 -17.50 -13.56 -2.06
C TYR A 281 -18.90 -14.15 -1.97
N ALA A 282 -19.22 -14.84 -0.88
CA ALA A 282 -20.62 -15.16 -0.63
C ALA A 282 -21.41 -13.85 -0.46
N TYR A 283 -22.59 -13.78 -1.07
CA TYR A 283 -23.51 -12.65 -0.93
C TYR A 283 -24.78 -13.13 -0.19
N PRO A 284 -25.32 -12.32 0.74
CA PRO A 284 -24.83 -11.01 1.17
C PRO A 284 -23.47 -11.09 1.85
N VAL A 285 -22.71 -10.00 1.80
CA VAL A 285 -21.35 -10.00 2.33
C VAL A 285 -21.21 -8.81 3.26
N THR A 286 -20.60 -9.02 4.42
CA THR A 286 -20.37 -7.90 5.33
C THR A 286 -19.35 -6.94 4.73
N GLU A 287 -19.45 -5.67 5.13
CA GLU A 287 -18.45 -4.69 4.78
C GLU A 287 -17.05 -5.16 5.18
N GLN A 288 -16.96 -5.71 6.39
CA GLN A 288 -15.68 -6.19 6.94
C GLN A 288 -15.00 -7.18 6.02
N THR A 289 -15.78 -8.11 5.48
CA THR A 289 -15.24 -9.21 4.67
C THR A 289 -14.74 -8.68 3.33
N LEU A 290 -15.46 -7.72 2.78
CA LEU A 290 -15.07 -7.08 1.52
C LEU A 290 -13.81 -6.24 1.72
N LEU A 291 -13.75 -5.54 2.85
CA LEU A 291 -12.60 -4.71 3.19
C LEU A 291 -11.35 -5.57 3.40
N ALA A 292 -11.49 -6.66 4.14
CA ALA A 292 -10.40 -7.60 4.37
C ALA A 292 -9.87 -8.23 3.07
N GLY A 293 -10.77 -8.57 2.15
CA GLY A 293 -10.40 -9.22 0.91
C GLY A 293 -9.73 -8.25 -0.05
N ASN A 294 -9.98 -6.96 0.19
CA ASN A 294 -9.43 -5.90 -0.65
C ASN A 294 -8.42 -5.04 0.11
N SER A 295 -7.78 -5.63 1.12
CA SER A 295 -6.86 -4.94 2.04
C SER A 295 -5.41 -4.95 1.58
N ALA A 296 -4.58 -4.14 2.23
CA ALA A 296 -3.17 -4.09 1.89
C ALA A 296 -2.54 -5.48 2.13
N LYS A 297 -2.95 -6.17 3.18
CA LYS A 297 -2.38 -7.48 3.43
C LYS A 297 -2.64 -8.44 2.26
N VAL A 298 -3.83 -8.38 1.69
CA VAL A 298 -4.16 -9.28 0.58
C VAL A 298 -3.52 -8.79 -0.72
N ILE A 299 -3.49 -7.48 -0.92
CA ILE A 299 -2.90 -6.88 -2.11
C ILE A 299 -1.36 -6.95 -2.17
N LEU A 300 -0.69 -6.71 -1.05
CA LEU A 300 0.76 -6.49 -1.08
C LEU A 300 1.62 -7.61 -0.53
N GLU A 301 1.04 -8.55 0.20
CA GLU A 301 1.81 -9.63 0.79
C GLU A 301 1.47 -10.96 0.16
N ALA A 302 2.36 -11.93 0.29
CA ALA A 302 2.01 -13.28 -0.12
C ALA A 302 1.09 -13.87 0.95
N ASN A 303 0.02 -14.56 0.53
CA ASN A 303 -0.88 -15.27 1.43
C ASN A 303 -1.06 -16.72 0.98
N PRO A 304 -1.08 -17.65 1.94
CA PRO A 304 -1.25 -19.06 1.60
C PRO A 304 -2.63 -19.30 0.99
N THR A 305 -2.71 -20.18 0.01
CA THR A 305 -3.99 -20.50 -0.63
C THR A 305 -4.75 -21.54 0.21
N ALA A 306 -6.08 -21.45 0.18
CA ALA A 306 -6.92 -22.45 0.80
C ALA A 306 -7.91 -22.96 -0.24
N ALA A 307 -8.67 -24.01 0.07
CA ALA A 307 -9.66 -24.52 -0.87
C ALA A 307 -10.65 -23.40 -1.18
N PRO A 308 -11.20 -23.38 -2.40
CA PRO A 308 -12.13 -22.30 -2.75
C PRO A 308 -13.42 -22.35 -1.95
N ARG A 309 -14.09 -21.21 -1.76
CA ARG A 309 -15.42 -21.16 -1.15
C ARG A 309 -16.35 -22.14 -1.83
N GLU A 310 -17.14 -22.85 -1.04
CA GLU A 310 -18.08 -23.83 -1.56
C GLU A 310 -19.33 -23.23 -2.20
N GLN A 314 -25.55 -17.44 -3.32
CA GLN A 314 -25.44 -16.19 -4.05
C GLN A 314 -24.00 -15.69 -3.99
N VAL A 315 -23.52 -15.08 -5.08
CA VAL A 315 -22.11 -14.71 -5.15
C VAL A 315 -21.89 -13.28 -5.63
N LEU A 316 -21.04 -12.53 -4.93
CA LEU A 316 -20.64 -11.21 -5.40
C LEU A 316 -19.26 -11.27 -6.04
N PHE A 317 -19.13 -10.70 -7.23
CA PHE A 317 -17.86 -10.59 -7.91
C PHE A 317 -17.42 -9.13 -7.92
N ASN A 318 -16.13 -8.90 -7.73
CA ASN A 318 -15.56 -7.54 -7.87
C ASN A 318 -14.15 -7.52 -8.41
N LYS A 319 -13.69 -6.29 -8.69
CA LYS A 319 -12.29 -6.04 -9.04
C LYS A 319 -12.00 -4.58 -8.83
N THR A 320 -10.91 -4.29 -8.12
CA THR A 320 -10.44 -2.92 -7.98
C THR A 320 -9.37 -2.62 -9.02
N GLY A 321 -9.18 -1.35 -9.30
CA GLY A 321 -8.18 -0.96 -10.27
C GLY A 321 -7.76 0.48 -10.06
N SER A 322 -6.46 0.70 -10.17
CA SER A 322 -5.87 2.00 -9.97
C SER A 322 -4.69 2.26 -10.90
N THR A 323 -4.53 3.51 -11.34
CA THR A 323 -3.27 3.97 -11.92
C THR A 323 -2.82 5.17 -11.06
N ASN A 324 -1.72 5.82 -11.39
CA ASN A 324 -1.28 6.95 -10.58
C ASN A 324 -2.37 8.05 -10.48
N GLY A 325 -3.15 8.22 -11.54
CA GLY A 325 -4.16 9.26 -11.55
C GLY A 325 -5.63 8.84 -11.49
N PHE A 326 -5.91 7.54 -11.45
CA PHE A 326 -7.30 7.03 -11.52
C PHE A 326 -7.61 5.94 -10.49
N GLY A 327 -8.89 5.83 -10.13
CA GLY A 327 -9.35 4.81 -9.21
C GLY A 327 -10.69 4.23 -9.65
N ALA A 328 -10.72 2.93 -9.87
CA ALA A 328 -11.89 2.24 -10.41
C ALA A 328 -12.36 1.12 -9.47
N TYR A 329 -13.65 0.79 -9.55
CA TYR A 329 -14.17 -0.39 -8.85
C TYR A 329 -15.38 -0.94 -9.59
N VAL A 330 -15.51 -2.25 -9.60
CA VAL A 330 -16.64 -2.93 -10.23
C VAL A 330 -17.09 -4.04 -9.30
N ALA A 331 -18.40 -4.15 -9.06
CA ALA A 331 -18.93 -5.26 -8.28
C ALA A 331 -20.32 -5.60 -8.79
N PHE A 332 -20.62 -6.88 -8.88
CA PHE A 332 -21.94 -7.32 -9.34
C PHE A 332 -22.34 -8.63 -8.70
N VAL A 333 -23.65 -8.87 -8.66
CA VAL A 333 -24.20 -10.07 -8.07
C VAL A 333 -25.17 -10.66 -9.09
N PRO A 334 -24.73 -11.68 -9.84
CA PRO A 334 -25.53 -12.23 -10.94
C PRO A 334 -26.90 -12.75 -10.49
N ALA A 335 -26.95 -13.39 -9.32
CA ALA A 335 -28.19 -13.99 -8.84
C ALA A 335 -29.27 -12.94 -8.53
N ARG A 336 -28.88 -11.70 -8.23
CA ARG A 336 -29.85 -10.64 -7.98
C ARG A 336 -29.97 -9.68 -9.15
N GLY A 337 -29.17 -9.88 -10.19
CA GLY A 337 -29.21 -9.05 -11.38
C GLY A 337 -28.81 -7.59 -11.15
N ILE A 338 -27.84 -7.37 -10.26
CA ILE A 338 -27.40 -6.01 -9.94
C ILE A 338 -25.89 -5.87 -10.09
N GLY A 339 -25.45 -4.67 -10.45
CA GLY A 339 -24.02 -4.41 -10.56
C GLY A 339 -23.74 -2.93 -10.53
N ILE A 340 -22.52 -2.56 -10.14
CA ILE A 340 -22.14 -1.17 -10.11
C ILE A 340 -20.72 -0.98 -10.64
N VAL A 341 -20.56 0.10 -11.40
CA VAL A 341 -19.28 0.55 -11.93
C VAL A 341 -19.00 1.96 -11.41
N MET A 342 -17.81 2.19 -10.86
CA MET A 342 -17.41 3.52 -10.37
C MET A 342 -16.03 3.87 -10.90
N LEU A 343 -15.96 4.90 -11.76
CA LEU A 343 -14.70 5.31 -12.38
C LEU A 343 -14.36 6.74 -12.02
N ALA A 344 -13.23 6.95 -11.36
CA ALA A 344 -12.83 8.30 -10.97
C ALA A 344 -11.47 8.67 -11.50
N ASN A 345 -11.25 9.97 -11.67
CA ASN A 345 -9.93 10.40 -12.11
C ASN A 345 -9.11 10.95 -10.95
N ARG A 346 -9.26 10.29 -9.81
CA ARG A 346 -8.23 10.31 -8.76
C ARG A 346 -8.12 8.91 -8.19
N ASN A 347 -6.90 8.48 -7.87
CA ASN A 347 -6.67 7.24 -7.12
C ASN A 347 -6.98 7.45 -5.62
N TYR A 348 -8.26 7.30 -5.26
CA TYR A 348 -8.69 7.53 -3.88
C TYR A 348 -8.82 6.17 -3.16
N PRO A 349 -8.85 6.16 -1.82
CA PRO A 349 -8.69 4.90 -1.08
C PRO A 349 -9.64 3.78 -1.47
N ILE A 350 -9.08 2.58 -1.58
CA ILE A 350 -9.85 1.41 -2.01
C ILE A 350 -11.01 1.16 -1.05
N GLU A 351 -10.77 1.31 0.25
CA GLU A 351 -11.84 1.05 1.20
C GLU A 351 -13.05 2.00 1.04
N ALA A 352 -12.82 3.22 0.56
CA ALA A 352 -13.90 4.15 0.27
C ALA A 352 -14.76 3.68 -0.90
N ARG A 353 -14.12 3.16 -1.94
CA ARG A 353 -14.81 2.59 -3.09
C ARG A 353 -15.72 1.45 -2.65
N ILE A 354 -15.16 0.55 -1.82
CA ILE A 354 -15.88 -0.65 -1.39
C ILE A 354 -17.06 -0.26 -0.50
N LYS A 355 -16.84 0.67 0.41
CA LYS A 355 -17.89 1.07 1.35
C LYS A 355 -19.07 1.69 0.63
N ALA A 356 -18.80 2.51 -0.38
CA ALA A 356 -19.86 3.16 -1.13
C ALA A 356 -20.62 2.15 -1.98
N ALA A 357 -19.87 1.31 -2.70
CA ALA A 357 -20.51 0.32 -3.57
C ALA A 357 -21.36 -0.66 -2.77
N HIS A 358 -20.84 -1.08 -1.62
CA HIS A 358 -21.55 -2.05 -0.81
C HIS A 358 -22.85 -1.46 -0.25
N ALA A 359 -22.79 -0.18 0.13
CA ALA A 359 -23.96 0.55 0.61
C ALA A 359 -25.03 0.62 -0.48
N ILE A 360 -24.60 0.96 -1.69
CA ILE A 360 -25.53 1.10 -2.80
C ILE A 360 -26.16 -0.22 -3.19
N LEU A 361 -25.34 -1.25 -3.41
CA LEU A 361 -25.85 -2.58 -3.77
C LEU A 361 -26.87 -3.14 -2.76
N ALA A 362 -26.59 -2.91 -1.47
CA ALA A 362 -27.47 -3.43 -0.42
C ALA A 362 -28.84 -2.75 -0.44
N GLN A 363 -28.91 -1.52 -0.94
CA GLN A 363 -30.19 -0.83 -1.07
C GLN A 363 -30.90 -1.22 -2.37
N LEU A 364 -30.15 -1.74 -3.33
CA LEU A 364 -30.73 -2.31 -4.54
C LEU A 364 -31.34 -3.69 -4.28
N ALA A 365 -30.79 -4.39 -3.28
CA ALA A 365 -31.16 -5.79 -3.00
C ALA A 365 -32.31 -5.90 -1.99
N ASP B 14 -10.23 23.31 28.75
CA ASP B 14 -9.17 23.33 27.74
C ASP B 14 -9.71 23.83 26.40
N PRO B 15 -9.22 25.00 25.94
CA PRO B 15 -9.59 25.57 24.64
C PRO B 15 -9.13 24.67 23.48
N LEU B 16 -8.23 23.74 23.77
CA LEU B 16 -7.73 22.81 22.76
C LEU B 16 -8.70 21.67 22.47
N ARG B 17 -9.49 21.26 23.47
CA ARG B 17 -10.33 20.08 23.29
C ARG B 17 -11.35 20.19 22.15
N PRO B 18 -12.01 21.34 21.96
CA PRO B 18 -12.87 21.45 20.77
C PRO B 18 -12.12 21.22 19.45
N VAL B 19 -10.89 21.71 19.39
CA VAL B 19 -10.05 21.55 18.21
C VAL B 19 -9.69 20.10 17.94
N VAL B 20 -9.23 19.40 18.97
CA VAL B 20 -8.89 17.99 18.86
C VAL B 20 -10.12 17.10 18.65
N ASP B 21 -11.18 17.33 19.43
CA ASP B 21 -12.41 16.57 19.25
C ASP B 21 -12.89 16.63 17.81
N ALA B 22 -12.88 17.85 17.26
CA ALA B 22 -13.39 18.09 15.90
C ALA B 22 -12.65 17.28 14.84
N SER B 23 -11.33 17.14 14.99
CA SER B 23 -10.53 16.39 14.04
C SER B 23 -10.54 14.89 14.31
N ILE B 24 -10.68 14.50 15.58
CA ILE B 24 -10.52 13.10 15.96
C ILE B 24 -11.82 12.30 15.98
N GLN B 25 -12.88 12.87 16.55
CA GLN B 25 -14.14 12.11 16.65
C GLN B 25 -14.72 11.63 15.31
N PRO B 26 -14.59 12.42 14.21
CA PRO B 26 -15.01 11.87 12.90
C PRO B 26 -14.28 10.59 12.51
N LEU B 27 -12.97 10.56 12.74
CA LEU B 27 -12.15 9.41 12.40
C LEU B 27 -12.56 8.14 13.13
N LEU B 28 -12.86 8.28 14.42
CA LEU B 28 -13.22 7.12 15.22
C LEU B 28 -14.48 6.50 14.65
N LYS B 29 -15.43 7.33 14.28
CA LYS B 29 -16.71 6.82 13.78
C LYS B 29 -16.52 6.23 12.37
N GLU B 30 -15.83 6.92 11.48
CA GLU B 30 -15.74 6.46 10.10
C GLU B 30 -14.97 5.15 9.96
N HIS B 31 -13.86 5.04 10.67
CA HIS B 31 -13.02 3.87 10.54
C HIS B 31 -13.21 2.87 11.69
N ARG B 32 -14.26 3.10 12.49
CA ARG B 32 -14.58 2.23 13.62
C ARG B 32 -13.34 1.94 14.46
N ILE B 33 -12.65 3.01 14.82
CA ILE B 33 -11.42 2.87 15.60
C ILE B 33 -11.81 2.67 17.04
N PRO B 34 -11.37 1.55 17.64
CA PRO B 34 -11.82 1.25 19.01
C PRO B 34 -11.32 2.30 20.00
N GLY B 35 -10.03 2.62 19.93
CA GLY B 35 -9.44 3.56 20.85
C GLY B 35 -8.33 4.41 20.24
N MET B 36 -8.19 5.64 20.73
CA MET B 36 -7.04 6.46 20.33
C MET B 36 -6.56 7.35 21.45
N ALA B 37 -5.24 7.38 21.67
CA ALA B 37 -4.68 8.32 22.61
C ALA B 37 -3.95 9.40 21.85
N VAL B 38 -4.44 10.63 22.01
CA VAL B 38 -3.82 11.79 21.39
C VAL B 38 -3.09 12.62 22.46
N ALA B 39 -1.88 13.03 22.17
CA ALA B 39 -1.12 13.91 23.08
C ALA B 39 -0.55 15.06 22.26
N VAL B 40 -0.68 16.27 22.78
CA VAL B 40 -0.15 17.42 22.09
C VAL B 40 0.75 18.21 23.03
N LEU B 41 1.80 18.78 22.45
CA LEU B 41 2.76 19.60 23.15
C LEU B 41 2.61 21.03 22.66
N LYS B 42 2.53 21.97 23.58
CA LYS B 42 2.46 23.38 23.20
C LYS B 42 3.06 24.21 24.32
N ASP B 43 4.03 25.02 23.98
CA ASP B 43 4.67 25.92 24.94
C ASP B 43 5.10 25.20 26.21
N GLY B 44 5.77 24.06 26.05
CA GLY B 44 6.31 23.30 27.16
C GLY B 44 5.33 22.38 27.86
N LYS B 45 4.04 22.54 27.59
CA LYS B 45 3.00 21.81 28.31
C LYS B 45 2.38 20.66 27.49
N ALA B 46 2.25 19.49 28.13
CA ALA B 46 1.61 18.33 27.49
C ALA B 46 0.10 18.33 27.75
N HIS B 47 -0.68 18.03 26.72
CA HIS B 47 -2.13 17.91 26.86
C HIS B 47 -2.58 16.57 26.29
N TYR B 48 -3.37 15.83 27.07
CA TYR B 48 -3.80 14.48 26.70
C TYR B 48 -5.28 14.40 26.36
N PHE B 49 -5.58 13.75 25.25
CA PHE B 49 -6.96 13.50 24.85
C PHE B 49 -7.10 12.02 24.54
N ASN B 50 -7.94 11.35 25.33
CA ASN B 50 -8.08 9.92 25.26
C ASN B 50 -9.47 9.53 24.81
N TYR B 51 -9.55 8.72 23.76
CA TYR B 51 -10.83 8.31 23.20
C TYR B 51 -11.00 6.80 23.20
N GLY B 52 -12.18 6.34 23.60
CA GLY B 52 -12.55 4.94 23.42
C GLY B 52 -11.85 3.86 24.20
N VAL B 53 -11.64 2.74 23.54
CA VAL B 53 -11.40 1.48 24.22
C VAL B 53 -10.11 0.81 23.77
N ALA B 54 -9.32 0.35 24.75
CA ALA B 54 -8.04 -0.33 24.51
C ALA B 54 -8.23 -1.81 24.20
N ASN B 55 -9.28 -2.38 24.80
CA ASN B 55 -9.55 -3.82 24.80
C ASN B 55 -11.07 -4.04 24.80
N ARG B 56 -11.61 -4.42 23.64
CA ARG B 56 -13.06 -4.60 23.52
C ARG B 56 -13.58 -5.73 24.39
N GLU B 57 -12.79 -6.80 24.49
CA GLU B 57 -13.17 -7.95 25.32
C GLU B 57 -13.39 -7.60 26.79
N SER B 58 -12.43 -6.89 27.36
CA SER B 58 -12.48 -6.51 28.78
C SER B 58 -13.18 -5.16 29.01
N GLY B 59 -13.32 -4.37 27.94
CA GLY B 59 -13.91 -3.05 28.05
C GLY B 59 -12.97 -2.01 28.67
N ALA B 60 -11.69 -2.34 28.77
CA ALA B 60 -10.72 -1.40 29.32
C ALA B 60 -10.57 -0.15 28.43
N GLY B 61 -10.57 1.02 29.04
CA GLY B 61 -10.56 2.27 28.31
C GLY B 61 -9.15 2.71 27.99
N VAL B 62 -9.03 3.71 27.13
CA VAL B 62 -7.73 4.26 26.74
C VAL B 62 -7.32 5.42 27.67
N SER B 63 -6.05 5.45 28.07
CA SER B 63 -5.47 6.61 28.74
C SER B 63 -4.13 6.93 28.12
N GLU B 64 -3.48 7.97 28.60
CA GLU B 64 -2.19 8.35 28.07
C GLU B 64 -1.10 7.43 28.60
N GLN B 65 -1.49 6.45 29.41
CA GLN B 65 -0.56 5.42 29.87
C GLN B 65 -0.72 4.07 29.11
N THR B 66 -1.79 3.95 28.31
CA THR B 66 -2.03 2.75 27.50
C THR B 66 -0.88 2.45 26.54
N LEU B 67 -0.45 1.20 26.44
CA LEU B 67 0.61 0.86 25.50
C LEU B 67 0.02 0.48 24.14
N PHE B 68 0.52 1.14 23.10
CA PHE B 68 0.17 0.88 21.70
C PHE B 68 1.41 0.39 20.95
N GLU B 69 1.22 -0.48 19.96
CA GLU B 69 2.27 -0.77 18.99
C GLU B 69 2.37 0.43 18.06
N ILE B 70 3.57 0.93 17.84
CA ILE B 70 3.72 2.10 16.98
C ILE B 70 4.37 1.77 15.64
N GLY B 71 4.65 0.50 15.38
CA GLY B 71 5.17 0.05 14.09
C GLY B 71 6.42 0.81 13.68
N SER B 72 6.41 1.35 12.46
CA SER B 72 7.59 2.02 11.92
C SER B 72 7.98 3.31 12.63
N VAL B 73 7.14 3.81 13.52
CA VAL B 73 7.60 4.95 14.32
C VAL B 73 8.83 4.50 15.15
N SER B 74 8.93 3.19 15.40
CA SER B 74 10.10 2.61 16.06
C SER B 74 11.42 3.02 15.38
N LYS B 75 11.36 3.26 14.09
CA LYS B 75 12.57 3.58 13.32
C LYS B 75 13.21 4.91 13.71
N THR B 76 12.44 5.79 14.35
CA THR B 76 13.01 7.03 14.82
C THR B 76 13.87 6.75 16.05
N LEU B 77 13.47 5.77 16.85
CA LEU B 77 14.26 5.39 18.02
C LEU B 77 15.47 4.59 17.60
N THR B 78 15.30 3.71 16.61
CA THR B 78 16.44 2.97 16.06
C THR B 78 17.46 3.95 15.49
N ALA B 79 16.96 4.95 14.77
CA ALA B 79 17.84 6.00 14.21
C ALA B 79 18.61 6.71 15.29
N THR B 80 17.93 6.99 16.39
CA THR B 80 18.52 7.68 17.52
C THR B 80 19.60 6.80 18.15
N LEU B 81 19.31 5.51 18.31
CA LEU B 81 20.35 4.58 18.80
C LEU B 81 21.57 4.57 17.89
N GLY B 82 21.33 4.49 16.58
CA GLY B 82 22.41 4.55 15.61
C GLY B 82 23.19 5.87 15.69
N ALA B 83 22.47 6.98 15.88
CA ALA B 83 23.10 8.30 16.05
C ALA B 83 23.96 8.32 17.30
N TYR B 84 23.49 7.64 18.34
CA TYR B 84 24.22 7.56 19.61
C TYR B 84 25.58 6.88 19.42
N ALA B 85 25.56 5.78 18.66
CA ALA B 85 26.78 5.03 18.33
C ALA B 85 27.77 5.86 17.54
N VAL B 86 27.28 6.72 16.65
CA VAL B 86 28.14 7.66 15.95
C VAL B 86 28.77 8.66 16.95
N VAL B 87 27.93 9.29 17.78
CA VAL B 87 28.42 10.26 18.77
C VAL B 87 29.45 9.65 19.72
N LYS B 88 29.23 8.39 20.09
CA LYS B 88 30.16 7.67 20.94
C LYS B 88 31.42 7.25 20.17
N GLY B 89 31.41 7.40 18.85
CA GLY B 89 32.56 7.05 18.02
C GLY B 89 32.73 5.57 17.74
N ALA B 90 31.67 4.79 17.96
CA ALA B 90 31.71 3.35 17.70
C ALA B 90 31.56 3.08 16.22
N MET B 91 31.08 4.06 15.47
CA MET B 91 30.89 3.90 14.03
C MET B 91 30.71 5.27 13.41
N GLN B 92 30.80 5.36 12.07
CA GLN B 92 30.38 6.60 11.36
C GLN B 92 29.35 6.20 10.34
N LEU B 93 28.65 7.20 9.84
CA LEU B 93 27.65 6.93 8.84
C LEU B 93 28.29 6.59 7.51
N ASP B 94 29.53 7.00 7.28
CA ASP B 94 30.18 6.67 6.01
C ASP B 94 30.88 5.31 6.05
N ASP B 95 30.87 4.63 7.19
CA ASP B 95 31.43 3.27 7.28
C ASP B 95 30.70 2.32 6.31
N LYS B 96 31.45 1.43 5.66
CA LYS B 96 30.86 0.30 4.95
C LYS B 96 30.21 -0.62 5.97
N ALA B 97 29.04 -1.17 5.62
CA ALA B 97 28.31 -2.04 6.54
C ALA B 97 29.15 -3.25 6.93
N SER B 98 29.97 -3.74 6.00
CA SER B 98 30.78 -4.93 6.29
C SER B 98 31.86 -4.65 7.34
N ARG B 99 32.13 -3.38 7.64
CA ARG B 99 33.10 -3.04 8.69
C ARG B 99 32.62 -3.50 10.07
N HIS B 100 31.31 -3.55 10.25
CA HIS B 100 30.73 -3.92 11.53
C HIS B 100 30.18 -5.35 11.56
N ALA B 101 30.33 -6.06 10.44
CA ALA B 101 29.92 -7.46 10.37
C ALA B 101 30.88 -8.20 9.45
N PRO B 102 31.84 -8.94 10.04
CA PRO B 102 32.81 -9.75 9.29
C PRO B 102 32.15 -10.72 8.29
N TRP B 103 30.99 -11.26 8.65
CA TRP B 103 30.29 -12.20 7.79
C TRP B 103 29.75 -11.53 6.50
N LEU B 104 29.73 -10.20 6.49
CA LEU B 104 29.31 -9.45 5.31
C LEU B 104 30.44 -9.17 4.32
N LYS B 105 31.68 -9.37 4.74
CA LYS B 105 32.84 -9.14 3.85
C LYS B 105 32.73 -10.00 2.60
N GLY B 106 32.97 -9.41 1.43
CA GLY B 106 32.87 -10.17 0.19
C GLY B 106 31.48 -10.13 -0.42
N SER B 107 30.64 -9.22 0.07
CA SER B 107 29.29 -9.05 -0.48
C SER B 107 29.11 -7.63 -1.01
N ALA B 108 27.90 -7.31 -1.44
CA ALA B 108 27.61 -5.97 -1.92
C ALA B 108 27.76 -4.95 -0.78
N PHE B 109 27.78 -5.43 0.47
CA PHE B 109 27.80 -4.49 1.58
C PHE B 109 29.22 -4.06 1.92
N ASP B 110 30.20 -4.53 1.14
CA ASP B 110 31.54 -3.92 1.15
C ASP B 110 31.49 -2.52 0.53
N SER B 111 30.40 -2.19 -0.18
CA SER B 111 30.30 -0.95 -0.95
C SER B 111 29.10 -0.10 -0.58
N ILE B 112 28.39 -0.50 0.46
CA ILE B 112 27.18 0.18 0.93
C ILE B 112 27.44 0.72 2.33
N THR B 113 27.08 1.97 2.59
CA THR B 113 27.38 2.57 3.89
C THR B 113 26.27 2.40 4.91
N MET B 114 26.63 2.63 6.17
CA MET B 114 25.67 2.60 7.27
C MET B 114 24.59 3.65 7.04
N GLY B 115 25.00 4.84 6.61
CA GLY B 115 24.05 5.92 6.34
C GLY B 115 23.03 5.57 5.25
N GLU B 116 23.51 4.91 4.19
CA GLU B 116 22.64 4.46 3.11
C GLU B 116 21.63 3.45 3.64
N LEU B 117 22.10 2.54 4.50
CA LEU B 117 21.18 1.57 5.11
C LEU B 117 20.12 2.29 5.93
N ALA B 118 20.55 3.29 6.71
CA ALA B 118 19.66 4.02 7.60
C ALA B 118 18.60 4.80 6.83
N THR B 119 18.95 5.24 5.62
CA THR B 119 18.05 6.13 4.87
C THR B 119 17.40 5.44 3.66
N TYR B 120 17.41 4.10 3.66
CA TYR B 120 16.75 3.26 2.65
C TYR B 120 17.28 3.49 1.25
N SER B 121 18.54 3.92 1.14
CA SER B 121 19.09 4.28 -0.15
C SER B 121 20.22 3.37 -0.55
N ALA B 122 20.29 2.19 0.05
CA ALA B 122 21.39 1.23 -0.22
C ALA B 122 21.36 0.63 -1.63
N GLY B 123 20.21 0.66 -2.29
CA GLY B 123 20.13 0.18 -3.66
C GLY B 123 19.03 -0.83 -3.93
N GLY B 124 17.90 -0.65 -3.26
CA GLY B 124 16.71 -1.40 -3.58
C GLY B 124 16.43 -2.59 -2.70
N LEU B 125 16.91 -2.57 -1.46
CA LEU B 125 16.44 -3.56 -0.48
C LEU B 125 14.93 -3.45 -0.36
N PRO B 126 14.21 -4.58 -0.28
CA PRO B 126 12.75 -4.53 -0.33
C PRO B 126 12.10 -4.13 0.98
N LEU B 127 10.79 -3.88 0.91
CA LEU B 127 10.03 -3.44 2.07
C LEU B 127 10.15 -4.42 3.25
N GLN B 128 10.04 -5.72 2.96
CA GLN B 128 10.02 -6.76 3.99
C GLN B 128 11.03 -7.86 3.69
N PHE B 129 11.50 -8.56 4.71
CA PHE B 129 12.23 -9.82 4.49
C PHE B 129 11.30 -10.81 3.81
N PRO B 130 11.87 -11.61 2.88
CA PRO B 130 11.15 -12.81 2.43
C PRO B 130 10.74 -13.68 3.63
N GLU B 131 9.63 -14.37 3.48
CA GLU B 131 9.08 -15.14 4.58
C GLU B 131 10.07 -16.18 5.15
N GLU B 132 10.87 -16.78 4.29
CA GLU B 132 11.81 -17.82 4.74
C GLU B 132 12.98 -17.28 5.59
N VAL B 133 13.17 -15.96 5.64
CA VAL B 133 14.23 -15.40 6.46
C VAL B 133 13.76 -15.24 7.90
N ASP B 134 13.93 -16.30 8.69
CA ASP B 134 13.35 -16.34 10.03
C ASP B 134 14.35 -16.77 11.10
N SER B 135 15.63 -16.74 10.76
CA SER B 135 16.70 -17.13 11.66
C SER B 135 17.91 -16.28 11.33
N SER B 136 18.87 -16.22 12.26
CA SER B 136 20.08 -15.44 12.04
C SER B 136 20.90 -15.99 10.87
N GLU B 137 20.96 -17.32 10.78
CA GLU B 137 21.61 -17.99 9.65
C GLU B 137 20.96 -17.60 8.32
N LYS B 138 19.66 -17.69 8.23
CA LYS B 138 18.97 -17.32 7.00
C LYS B 138 19.10 -15.81 6.72
N MET B 139 19.13 -15.00 7.77
CA MET B 139 19.25 -13.55 7.60
C MET B 139 20.60 -13.20 7.00
N ARG B 140 21.67 -13.79 7.52
CA ARG B 140 23.00 -13.55 6.97
C ARG B 140 23.07 -13.95 5.51
N ALA B 141 22.51 -15.13 5.19
CA ALA B 141 22.43 -15.62 3.82
C ALA B 141 21.66 -14.69 2.92
N TYR B 142 20.54 -14.16 3.42
CA TYR B 142 19.74 -13.23 2.65
C TYR B 142 20.58 -12.03 2.19
N TYR B 143 21.28 -11.39 3.12
CA TYR B 143 22.09 -10.24 2.76
C TYR B 143 23.24 -10.62 1.85
N ARG B 144 23.78 -11.83 2.00
CA ARG B 144 24.96 -12.20 1.21
C ARG B 144 24.60 -12.51 -0.24
N GLN B 145 23.39 -13.00 -0.48
CA GLN B 145 23.00 -13.30 -1.85
C GLN B 145 22.33 -12.11 -2.54
N TRP B 146 21.98 -11.08 -1.78
CA TRP B 146 21.19 -9.99 -2.33
C TRP B 146 21.94 -9.25 -3.42
N ALA B 147 21.30 -9.10 -4.56
CA ALA B 147 21.87 -8.43 -5.71
C ALA B 147 21.33 -6.99 -5.78
N PRO B 148 22.23 -6.00 -5.71
CA PRO B 148 21.80 -4.59 -5.73
C PRO B 148 20.98 -4.27 -6.98
N VAL B 149 19.90 -3.55 -6.79
CA VAL B 149 19.05 -3.13 -7.90
C VAL B 149 19.49 -1.75 -8.44
N TYR B 150 19.90 -0.88 -7.53
CA TYR B 150 20.34 0.45 -7.91
C TYR B 150 21.70 0.74 -7.30
N SER B 151 22.40 1.72 -7.87
CA SER B 151 23.64 2.19 -7.30
C SER B 151 23.33 2.84 -5.95
N PRO B 152 24.28 2.75 -4.99
CA PRO B 152 24.09 3.31 -3.64
C PRO B 152 23.75 4.80 -3.67
N GLY B 153 22.75 5.22 -2.90
CA GLY B 153 22.40 6.63 -2.82
C GLY B 153 21.51 7.16 -3.94
N SER B 154 21.32 6.41 -5.01
CA SER B 154 20.53 6.91 -6.13
C SER B 154 19.01 6.79 -5.95
N HIS B 155 18.56 5.84 -5.13
CA HIS B 155 17.13 5.59 -4.98
C HIS B 155 16.71 5.34 -3.55
N ARG B 156 15.56 5.87 -3.18
CA ARG B 156 14.97 5.56 -1.89
C ARG B 156 13.93 4.47 -2.06
N GLN B 157 14.12 3.36 -1.37
CA GLN B 157 13.09 2.34 -1.31
C GLN B 157 12.89 1.97 0.13
N TYR B 158 11.78 2.42 0.70
CA TYR B 158 11.48 2.18 2.11
C TYR B 158 11.58 0.70 2.43
N SER B 159 12.32 0.37 3.49
CA SER B 159 12.76 -1.02 3.67
C SER B 159 13.05 -1.40 5.13
N ASN B 160 12.39 -2.43 5.64
CA ASN B 160 12.71 -2.94 6.99
C ASN B 160 14.08 -3.62 7.04
N PRO B 161 14.40 -4.49 6.05
CA PRO B 161 15.77 -5.03 6.02
C PRO B 161 16.89 -3.99 6.02
N SER B 162 16.68 -2.85 5.35
CA SER B 162 17.67 -1.77 5.31
C SER B 162 17.88 -1.12 6.70
N ILE B 163 16.83 -0.50 7.24
CA ILE B 163 16.97 0.15 8.53
C ILE B 163 17.14 -0.89 9.65
N GLY B 164 16.59 -2.08 9.45
CA GLY B 164 16.84 -3.16 10.40
C GLY B 164 18.33 -3.47 10.51
N LEU B 165 19.01 -3.61 9.38
CA LEU B 165 20.42 -3.99 9.44
C LEU B 165 21.22 -2.84 10.05
N PHE B 166 20.82 -1.60 9.76
CA PHE B 166 21.45 -0.42 10.35
C PHE B 166 21.43 -0.48 11.87
N GLY B 167 20.25 -0.71 12.43
CA GLY B 167 20.10 -0.77 13.88
C GLY B 167 20.88 -1.92 14.48
N HIS B 168 20.83 -3.06 13.80
CA HIS B 168 21.50 -4.27 14.25
C HIS B 168 23.01 -4.08 14.31
N LEU B 169 23.56 -3.49 13.28
CA LEU B 169 25.00 -3.25 13.21
C LEU B 169 25.43 -2.11 14.14
N ALA B 170 24.56 -1.11 14.31
CA ALA B 170 24.81 -0.04 15.28
C ALA B 170 24.97 -0.60 16.69
N ALA B 171 24.03 -1.45 17.11
CA ALA B 171 24.12 -2.12 18.40
C ALA B 171 25.42 -2.94 18.46
N SER B 172 25.71 -3.67 17.38
CA SER B 172 26.93 -4.47 17.33
C SER B 172 28.19 -3.61 17.53
N SER B 173 28.21 -2.41 16.95
CA SER B 173 29.37 -1.53 17.11
C SER B 173 29.54 -1.09 18.56
N LEU B 174 28.43 -1.07 19.31
CA LEU B 174 28.48 -0.71 20.72
C LEU B 174 28.66 -1.92 21.63
N LYS B 175 28.79 -3.10 21.02
CA LYS B 175 29.02 -4.37 21.72
C LYS B 175 27.93 -4.74 22.74
N GLN B 176 26.68 -4.45 22.41
CA GLN B 176 25.53 -4.89 23.20
C GLN B 176 24.42 -5.33 22.26
N PRO B 177 23.62 -6.34 22.67
CA PRO B 177 22.46 -6.70 21.87
C PRO B 177 21.48 -5.52 21.77
N PHE B 178 20.70 -5.47 20.69
CA PHE B 178 19.89 -4.31 20.40
C PHE B 178 18.83 -4.04 21.49
N ALA B 179 18.08 -5.06 21.89
CA ALA B 179 16.96 -4.81 22.82
C ALA B 179 17.42 -4.29 24.20
N PRO B 180 18.42 -4.92 24.84
CA PRO B 180 18.88 -4.31 26.10
C PRO B 180 19.50 -2.93 25.95
N LEU B 181 20.20 -2.68 24.84
CA LEU B 181 20.80 -1.37 24.63
C LEU B 181 19.71 -0.31 24.54
N MET B 182 18.63 -0.64 23.83
CA MET B 182 17.49 0.27 23.72
C MET B 182 16.80 0.45 25.07
N GLU B 183 16.44 -0.65 25.73
CA GLU B 183 15.61 -0.55 26.95
C GLU B 183 16.42 -0.07 28.17
N GLN B 184 17.73 -0.31 28.18
CA GLN B 184 18.52 0.01 29.37
C GLN B 184 19.37 1.27 29.22
N THR B 185 19.63 1.70 27.99
CA THR B 185 20.41 2.92 27.82
C THR B 185 19.61 4.05 27.14
N LEU B 186 19.07 3.78 25.96
CA LEU B 186 18.47 4.86 25.17
C LEU B 186 17.18 5.39 25.77
N LEU B 187 16.22 4.49 25.97
CA LEU B 187 14.91 4.87 26.45
C LEU B 187 14.95 5.55 27.83
N PRO B 188 15.70 4.98 28.79
CA PRO B 188 15.77 5.68 30.08
C PRO B 188 16.43 7.05 29.96
N GLY B 189 17.44 7.16 29.09
CA GLY B 189 18.11 8.42 28.84
C GLY B 189 17.18 9.46 28.24
N LEU B 190 16.21 9.00 27.47
CA LEU B 190 15.19 9.87 26.91
C LEU B 190 14.06 10.09 27.92
N GLY B 191 14.18 9.43 29.07
CA GLY B 191 13.15 9.49 30.09
C GLY B 191 11.85 8.79 29.71
N MET B 192 11.99 7.73 28.92
CA MET B 192 10.83 6.94 28.49
C MET B 192 10.80 5.61 29.22
N HIS B 193 10.25 5.59 30.43
CA HIS B 193 10.28 4.38 31.25
C HIS B 193 9.05 3.49 31.07
N HIS B 194 8.21 3.82 30.10
CA HIS B 194 7.06 2.97 29.78
C HIS B 194 7.10 2.70 28.30
N THR B 195 8.30 2.44 27.80
CA THR B 195 8.50 2.17 26.38
C THR B 195 9.30 0.88 26.26
N TYR B 196 8.82 -0.06 25.45
CA TYR B 196 9.37 -1.40 25.46
C TYR B 196 9.58 -1.98 24.09
N VAL B 197 10.64 -2.77 23.95
CA VAL B 197 10.78 -3.72 22.86
C VAL B 197 9.96 -4.96 23.21
N ASN B 198 10.12 -5.43 24.44
CA ASN B 198 9.35 -6.55 24.97
C ASN B 198 8.59 -6.10 26.22
N VAL B 199 7.27 -6.16 26.19
CA VAL B 199 6.46 -5.72 27.32
C VAL B 199 6.58 -6.71 28.50
N PRO B 200 7.05 -6.24 29.67
CA PRO B 200 7.18 -7.08 30.85
C PRO B 200 5.83 -7.37 31.52
N LYS B 201 5.79 -8.44 32.31
CA LYS B 201 4.58 -8.90 32.98
C LYS B 201 3.87 -7.75 33.67
N GLN B 202 4.68 -6.92 34.32
CA GLN B 202 4.25 -5.76 35.07
C GLN B 202 3.37 -4.82 34.26
N ALA B 203 3.64 -4.74 32.96
CA ALA B 203 3.00 -3.72 32.12
C ALA B 203 1.96 -4.31 31.16
N MET B 204 1.75 -5.62 31.21
CA MET B 204 0.87 -6.26 30.22
C MET B 204 -0.57 -5.77 30.35
N ALA B 205 -0.98 -5.43 31.57
CA ALA B 205 -2.33 -4.92 31.82
C ALA B 205 -2.61 -3.61 31.08
N SER B 206 -1.58 -2.82 30.80
CA SER B 206 -1.77 -1.55 30.11
C SER B 206 -1.68 -1.66 28.57
N TYR B 207 -1.40 -2.86 28.07
CA TYR B 207 -1.13 -3.09 26.65
C TYR B 207 -2.44 -3.28 25.89
N ALA B 208 -2.76 -2.34 24.99
CA ALA B 208 -3.96 -2.47 24.18
C ALA B 208 -3.90 -3.69 23.28
N TYR B 209 -5.07 -4.12 22.78
CA TYR B 209 -5.12 -5.07 21.67
C TYR B 209 -5.35 -4.24 20.40
N GLY B 210 -4.81 -4.69 19.28
CA GLY B 210 -5.16 -4.12 17.99
C GLY B 210 -6.35 -4.85 17.38
N TYR B 211 -6.99 -4.25 16.37
CA TYR B 211 -8.15 -4.87 15.73
C TYR B 211 -8.02 -4.90 14.21
N SER B 212 -8.16 -6.10 13.66
CA SER B 212 -7.98 -6.34 12.24
C SER B 212 -9.19 -5.86 11.44
N LYS B 213 -9.16 -6.05 10.12
CA LYS B 213 -10.28 -5.63 9.28
C LYS B 213 -11.49 -6.56 9.47
N GLU B 214 -11.26 -7.74 10.02
CA GLU B 214 -12.36 -8.63 10.40
C GLU B 214 -12.72 -8.42 11.88
N ASP B 215 -12.17 -7.36 12.47
CA ASP B 215 -12.45 -6.94 13.84
C ASP B 215 -12.06 -7.94 14.94
N LYS B 216 -10.97 -8.69 14.72
CA LYS B 216 -10.43 -9.60 15.73
C LYS B 216 -9.25 -8.96 16.46
N PRO B 217 -9.14 -9.23 17.77
CA PRO B 217 -8.02 -8.70 18.57
C PRO B 217 -6.70 -9.33 18.14
N ILE B 218 -5.70 -8.50 17.87
CA ILE B 218 -4.42 -8.99 17.36
C ILE B 218 -3.28 -8.16 17.93
N ARG B 219 -2.11 -8.77 17.98
CA ARG B 219 -0.90 -8.05 18.35
C ARG B 219 0.22 -8.47 17.41
N VAL B 220 1.31 -7.71 17.40
CA VAL B 220 2.34 -7.90 16.38
C VAL B 220 2.97 -9.30 16.46
N ASN B 221 3.33 -9.82 15.30
CA ASN B 221 4.06 -11.09 15.21
C ASN B 221 5.56 -10.87 15.17
N PRO B 222 6.29 -11.54 16.07
CA PRO B 222 7.76 -11.46 16.03
C PRO B 222 8.28 -11.83 14.64
N GLY B 223 9.24 -11.08 14.15
CA GLY B 223 9.81 -11.31 12.83
C GLY B 223 11.28 -10.95 12.84
N MET B 224 11.99 -11.24 11.75
CA MET B 224 13.42 -10.93 11.68
C MET B 224 13.68 -9.42 11.77
N LEU B 225 14.55 -9.02 12.69
CA LEU B 225 14.86 -7.62 13.02
C LEU B 225 13.61 -6.79 13.36
N ALA B 226 12.60 -7.43 13.94
CA ALA B 226 11.40 -6.73 14.37
C ALA B 226 11.72 -5.66 15.40
N ASP B 227 12.61 -6.00 16.33
CA ASP B 227 12.97 -5.06 17.39
C ASP B 227 13.47 -3.75 16.78
N GLU B 228 14.34 -3.88 15.80
CA GLU B 228 14.96 -2.75 15.11
C GLU B 228 14.00 -1.96 14.23
N ALA B 229 13.10 -2.67 13.55
CA ALA B 229 12.33 -2.05 12.47
C ALA B 229 10.93 -1.60 12.87
N TYR B 230 10.29 -2.28 13.81
CA TYR B 230 8.87 -1.97 14.07
C TYR B 230 8.31 -2.52 15.37
N GLY B 231 9.17 -2.87 16.31
CA GLY B 231 8.66 -3.57 17.48
C GLY B 231 8.47 -2.77 18.76
N ILE B 232 8.51 -1.45 18.71
CA ILE B 232 8.32 -0.65 19.92
C ILE B 232 6.86 -0.57 20.38
N LYS B 233 6.65 -0.78 21.67
CA LYS B 233 5.37 -0.53 22.35
C LYS B 233 5.57 0.67 23.28
N THR B 234 4.70 1.67 23.17
CA THR B 234 4.79 2.85 24.01
C THR B 234 3.43 3.52 24.24
N SER B 235 3.40 4.46 25.17
CA SER B 235 2.20 5.24 25.48
C SER B 235 2.26 6.58 24.79
N SER B 236 1.13 7.28 24.73
CA SER B 236 1.14 8.64 24.18
C SER B 236 1.96 9.57 25.08
N ALA B 237 1.94 9.33 26.39
CA ALA B 237 2.72 10.16 27.31
C ALA B 237 4.21 10.00 27.01
N ASP B 238 4.67 8.77 26.85
CA ASP B 238 6.10 8.54 26.58
C ASP B 238 6.52 9.03 25.21
N LEU B 239 5.69 8.83 24.20
CA LEU B 239 6.09 9.23 22.86
C LEU B 239 6.12 10.76 22.79
N LEU B 240 5.26 11.41 23.56
CA LEU B 240 5.31 12.88 23.61
C LEU B 240 6.57 13.34 24.34
N ARG B 241 7.00 12.59 25.34
CA ARG B 241 8.29 12.87 26.00
C ARG B 241 9.44 12.81 24.99
N PHE B 242 9.37 11.87 24.06
CA PHE B 242 10.35 11.76 22.98
C PHE B 242 10.28 12.99 22.09
N VAL B 243 9.07 13.46 21.80
CA VAL B 243 8.91 14.68 21.02
C VAL B 243 9.50 15.90 21.74
N LYS B 244 9.24 16.00 23.02
CA LYS B 244 9.79 17.08 23.83
C LYS B 244 11.33 17.03 23.82
N ALA B 245 11.88 15.81 23.85
CA ALA B 245 13.33 15.65 23.74
C ALA B 245 13.84 16.13 22.39
N ASN B 246 13.06 15.91 21.34
CA ASN B 246 13.42 16.35 20.01
C ASN B 246 13.26 17.85 19.79
N ILE B 247 12.54 18.52 20.70
CA ILE B 247 12.37 19.96 20.61
C ILE B 247 13.24 20.67 21.64
N GLY B 248 12.94 20.45 22.91
CA GLY B 248 13.60 21.16 24.00
C GLY B 248 14.93 20.58 24.44
N GLY B 249 15.19 19.35 24.02
CA GLY B 249 16.48 18.74 24.25
C GLY B 249 16.60 17.96 25.54
N VAL B 250 17.77 17.37 25.75
CA VAL B 250 18.02 16.58 26.94
C VAL B 250 19.33 17.05 27.55
N ASP B 251 19.53 16.78 28.84
CA ASP B 251 20.75 17.24 29.51
C ASP B 251 21.97 16.40 29.14
N ASP B 252 21.75 15.10 28.98
CA ASP B 252 22.80 14.19 28.51
C ASP B 252 23.35 14.71 27.18
N LYS B 253 24.56 15.23 27.20
CA LYS B 253 25.13 15.89 26.02
C LYS B 253 25.33 14.92 24.84
N ALA B 254 25.70 13.68 25.14
CA ALA B 254 25.91 12.67 24.10
C ALA B 254 24.60 12.38 23.38
N LEU B 255 23.57 12.14 24.18
CA LEU B 255 22.24 11.84 23.68
C LEU B 255 21.65 13.04 22.93
N GLN B 256 21.87 14.24 23.47
CA GLN B 256 21.46 15.46 22.78
C GLN B 256 22.08 15.57 21.38
N GLN B 257 23.35 15.27 21.26
CA GLN B 257 23.99 15.26 19.94
C GLN B 257 23.40 14.18 19.02
N ALA B 258 23.05 13.03 19.58
CA ALA B 258 22.45 11.94 18.80
C ALA B 258 21.12 12.39 18.22
N ILE B 259 20.29 12.99 19.06
CA ILE B 259 18.99 13.54 18.63
C ILE B 259 19.18 14.55 17.49
N SER B 260 20.10 15.48 17.67
CA SER B 260 20.33 16.49 16.66
C SER B 260 20.77 15.88 15.32
N LEU B 261 21.54 14.81 15.38
CA LEU B 261 21.96 14.08 14.18
C LEU B 261 20.77 13.53 13.38
N THR B 262 19.69 13.16 14.07
CA THR B 262 18.51 12.59 13.38
C THR B 262 17.69 13.66 12.67
N HIS B 263 18.04 14.92 12.84
CA HIS B 263 17.33 16.01 12.19
C HIS B 263 18.02 16.49 10.92
N GLN B 264 19.21 15.96 10.62
CA GLN B 264 19.93 16.42 9.45
C GLN B 264 19.37 15.78 8.19
N GLY B 265 19.15 16.61 7.18
CA GLY B 265 18.62 16.13 5.92
C GLY B 265 19.69 15.44 5.10
N HIS B 266 19.38 14.30 4.48
CA HIS B 266 20.38 13.63 3.64
C HIS B 266 20.06 13.77 2.17
N TYR B 267 18.79 13.57 1.80
CA TYR B 267 18.34 13.79 0.44
C TYR B 267 16.85 14.06 0.48
N SER B 268 16.28 14.41 -0.65
CA SER B 268 14.83 14.61 -0.74
C SER B 268 14.18 13.73 -1.80
N VAL B 269 12.88 13.57 -1.66
CA VAL B 269 12.00 12.98 -2.64
C VAL B 269 10.76 13.87 -2.62
N GLY B 270 10.50 14.60 -3.71
CA GLY B 270 9.44 15.58 -3.68
C GLY B 270 9.69 16.61 -2.59
N GLY B 271 8.66 16.99 -1.86
CA GLY B 271 8.84 17.94 -0.77
C GLY B 271 9.35 17.34 0.54
N MET B 272 9.61 16.03 0.56
CA MET B 272 10.03 15.34 1.78
C MET B 272 11.55 15.21 1.81
N THR B 273 12.16 15.54 2.95
CA THR B 273 13.58 15.32 3.17
C THR B 273 13.80 14.19 4.16
N GLN B 274 14.63 13.23 3.76
CA GLN B 274 14.89 12.04 4.53
C GLN B 274 16.09 12.27 5.45
N GLY B 275 15.87 12.06 6.74
CA GLY B 275 16.97 12.05 7.68
C GLY B 275 17.10 10.66 8.26
N LEU B 276 17.72 10.57 9.42
CA LEU B 276 17.78 9.31 10.15
C LEU B 276 16.50 9.15 10.94
N GLY B 277 15.64 8.23 10.49
CA GLY B 277 14.35 8.04 11.12
C GLY B 277 13.34 9.09 10.68
N TRP B 278 13.52 10.33 11.15
CA TRP B 278 12.54 11.36 10.87
C TRP B 278 12.57 11.75 9.40
N GLU B 279 11.38 12.10 8.90
CA GLU B 279 11.23 12.72 7.59
C GLU B 279 10.73 14.16 7.79
N SER B 280 11.26 15.09 7.03
CA SER B 280 11.00 16.50 7.29
C SER B 280 10.47 17.29 6.09
N TYR B 281 9.81 18.40 6.39
CA TYR B 281 9.19 19.26 5.40
C TYR B 281 9.48 20.72 5.75
N ALA B 282 9.55 21.59 4.76
CA ALA B 282 9.50 23.02 5.05
C ALA B 282 8.14 23.32 5.66
N TYR B 283 8.15 24.12 6.73
CA TYR B 283 6.95 24.53 7.45
C TYR B 283 6.78 26.04 7.33
N PRO B 284 5.54 26.54 7.17
CA PRO B 284 4.24 25.85 7.00
C PRO B 284 4.17 24.95 5.78
N VAL B 285 3.44 23.86 5.92
CA VAL B 285 3.40 22.86 4.87
C VAL B 285 1.97 22.62 4.46
N THR B 286 1.69 22.62 3.17
CA THR B 286 0.32 22.34 2.74
C THR B 286 -0.06 20.90 3.06
N GLU B 287 -1.35 20.67 3.27
CA GLU B 287 -1.87 19.32 3.47
C GLU B 287 -1.47 18.43 2.28
N GLN B 288 -1.55 18.97 1.07
CA GLN B 288 -1.21 18.20 -0.11
C GLN B 288 0.26 17.73 -0.12
N THR B 289 1.16 18.59 0.33
CA THR B 289 2.57 18.23 0.38
C THR B 289 2.82 17.10 1.37
N LEU B 290 2.21 17.21 2.55
CA LEU B 290 2.32 16.17 3.57
C LEU B 290 1.76 14.85 3.07
N LEU B 291 0.69 14.91 2.28
CA LEU B 291 0.02 13.69 1.79
C LEU B 291 0.88 13.01 0.73
N ALA B 292 1.42 13.83 -0.17
CA ALA B 292 2.34 13.38 -1.21
C ALA B 292 3.58 12.67 -0.64
N GLY B 293 4.17 13.25 0.41
CA GLY B 293 5.34 12.66 1.04
C GLY B 293 5.08 11.38 1.81
N ASN B 294 3.82 11.17 2.21
CA ASN B 294 3.42 9.98 2.95
C ASN B 294 2.48 9.08 2.12
N SER B 295 2.66 9.14 0.81
CA SER B 295 1.78 8.46 -0.13
C SER B 295 2.31 7.07 -0.50
N ALA B 296 1.44 6.27 -1.09
CA ALA B 296 1.80 4.92 -1.52
C ALA B 296 3.00 4.95 -2.45
N LYS B 297 3.09 5.99 -3.28
CA LYS B 297 4.19 6.06 -4.23
C LYS B 297 5.53 6.15 -3.49
N VAL B 298 5.59 7.00 -2.47
CA VAL B 298 6.81 7.19 -1.71
C VAL B 298 7.08 5.98 -0.81
N ILE B 299 6.02 5.41 -0.24
CA ILE B 299 6.15 4.28 0.66
C ILE B 299 6.53 2.95 -0.02
N LEU B 300 5.90 2.67 -1.16
CA LEU B 300 5.96 1.33 -1.75
C LEU B 300 6.88 1.16 -2.96
N GLU B 301 7.24 2.27 -3.62
CA GLU B 301 8.06 2.17 -4.82
C GLU B 301 9.38 2.87 -4.61
N ALA B 302 10.35 2.54 -5.46
CA ALA B 302 11.64 3.20 -5.42
C ALA B 302 11.50 4.58 -6.07
N ASN B 303 12.10 5.59 -5.44
CA ASN B 303 12.06 6.92 -6.03
C ASN B 303 13.46 7.46 -6.10
N PRO B 304 13.80 8.15 -7.20
CA PRO B 304 15.15 8.71 -7.27
C PRO B 304 15.35 9.80 -6.20
N THR B 305 16.57 9.89 -5.69
CA THR B 305 16.90 10.85 -4.65
C THR B 305 17.29 12.18 -5.28
N ALA B 306 17.11 13.25 -4.53
CA ALA B 306 17.45 14.60 -4.96
C ALA B 306 18.12 15.34 -3.81
N ALA B 307 18.64 16.53 -4.07
CA ALA B 307 19.29 17.29 -3.01
C ALA B 307 18.34 17.54 -1.86
N PRO B 308 18.82 17.42 -0.61
CA PRO B 308 17.94 17.68 0.53
C PRO B 308 17.53 19.16 0.64
N ARG B 309 16.43 19.43 1.32
CA ARG B 309 15.99 20.81 1.58
C ARG B 309 17.08 21.61 2.30
N GLU B 310 17.42 22.77 1.78
CA GLU B 310 18.38 23.62 2.47
C GLU B 310 17.97 25.07 2.41
N SER B 311 17.33 25.51 3.49
CA SER B 311 16.85 26.89 3.58
C SER B 311 16.89 27.34 5.05
N GLY B 312 16.37 28.52 5.30
CA GLY B 312 16.25 29.01 6.66
C GLY B 312 14.86 28.73 7.18
N SER B 313 14.06 28.04 6.37
CA SER B 313 12.65 27.78 6.68
C SER B 313 12.47 27.02 7.99
N GLN B 314 11.35 27.26 8.67
CA GLN B 314 10.98 26.42 9.80
C GLN B 314 10.74 25.01 9.26
N VAL B 315 10.81 24.01 10.13
CA VAL B 315 10.78 22.63 9.66
C VAL B 315 9.78 21.79 10.45
N LEU B 316 9.01 20.97 9.73
CA LEU B 316 8.18 19.96 10.35
C LEU B 316 8.80 18.59 10.15
N PHE B 317 8.94 17.85 11.25
CA PHE B 317 9.32 16.44 11.26
C PHE B 317 8.13 15.51 11.51
N ASN B 318 8.06 14.41 10.77
CA ASN B 318 7.07 13.40 11.09
C ASN B 318 7.52 11.95 10.86
N LYS B 319 6.70 11.02 11.35
CA LYS B 319 6.87 9.60 11.05
C LYS B 319 5.55 8.90 11.23
N THR B 320 5.17 8.11 10.22
CA THR B 320 4.00 7.25 10.32
C THR B 320 4.42 5.86 10.79
N GLY B 321 3.49 5.13 11.35
CA GLY B 321 3.80 3.76 11.73
C GLY B 321 2.54 2.94 11.89
N SER B 322 2.61 1.67 11.46
CA SER B 322 1.49 0.75 11.51
C SER B 322 1.94 -0.68 11.79
N THR B 323 1.06 -1.46 12.42
CA THR B 323 1.19 -2.89 12.45
C THR B 323 -0.13 -3.44 11.93
N ASN B 324 -0.32 -4.75 11.91
CA ASN B 324 -1.61 -5.24 11.41
C ASN B 324 -2.80 -4.68 12.22
N GLY B 325 -2.59 -4.40 13.50
CA GLY B 325 -3.69 -3.95 14.35
C GLY B 325 -3.64 -2.52 14.85
N PHE B 326 -2.60 -1.78 14.51
CA PHE B 326 -2.35 -0.47 15.11
C PHE B 326 -1.94 0.58 14.08
N GLY B 327 -2.23 1.84 14.38
CA GLY B 327 -1.87 2.94 13.50
C GLY B 327 -1.44 4.17 14.29
N ALA B 328 -0.20 4.62 14.07
CA ALA B 328 0.41 5.70 14.82
C ALA B 328 0.87 6.83 13.90
N TYR B 329 0.94 8.04 14.44
CA TYR B 329 1.51 9.15 13.70
C TYR B 329 2.06 10.16 14.69
N VAL B 330 3.18 10.78 14.32
CA VAL B 330 3.87 11.73 15.18
C VAL B 330 4.39 12.85 14.32
N ALA B 331 4.17 14.09 14.73
CA ALA B 331 4.63 15.25 13.96
C ALA B 331 4.95 16.38 14.91
N PHE B 332 6.02 17.10 14.64
CA PHE B 332 6.40 18.22 15.51
C PHE B 332 7.20 19.28 14.77
N VAL B 333 7.12 20.51 15.28
CA VAL B 333 7.75 21.68 14.68
C VAL B 333 8.58 22.37 15.76
N PRO B 334 9.88 22.05 15.83
CA PRO B 334 10.79 22.57 16.86
C PRO B 334 10.72 24.10 16.96
N ALA B 335 10.70 24.77 15.82
CA ALA B 335 10.75 26.23 15.79
C ALA B 335 9.52 26.87 16.46
N ARG B 336 8.41 26.14 16.53
CA ARG B 336 7.21 26.68 17.17
C ARG B 336 6.87 25.99 18.49
N GLY B 337 7.69 25.02 18.88
CA GLY B 337 7.50 24.31 20.12
C GLY B 337 6.18 23.53 20.16
N ILE B 338 5.75 23.00 19.02
CA ILE B 338 4.49 22.27 18.96
C ILE B 338 4.69 20.88 18.40
N GLY B 339 3.80 19.97 18.76
CA GLY B 339 3.93 18.59 18.33
C GLY B 339 2.68 17.83 18.68
N ILE B 340 2.46 16.72 17.98
CA ILE B 340 1.31 15.87 18.26
C ILE B 340 1.66 14.40 18.11
N VAL B 341 1.11 13.58 19.00
CA VAL B 341 1.19 12.13 18.90
C VAL B 341 -0.21 11.55 18.76
N MET B 342 -0.41 10.60 17.86
CA MET B 342 -1.70 9.94 17.69
C MET B 342 -1.51 8.44 17.61
N LEU B 343 -1.96 7.72 18.62
CA LEU B 343 -1.79 6.26 18.71
C LEU B 343 -3.14 5.60 18.72
N ALA B 344 -3.38 4.70 17.78
CA ALA B 344 -4.67 4.03 17.66
C ALA B 344 -4.52 2.51 17.58
N ASN B 345 -5.52 1.80 18.05
CA ASN B 345 -5.48 0.34 17.92
C ASN B 345 -6.35 -0.14 16.75
N ARG B 346 -6.37 0.63 15.68
CA ARG B 346 -6.71 0.11 14.35
C ARG B 346 -5.71 0.71 13.36
N ASN B 347 -5.27 -0.08 12.40
CA ASN B 347 -4.46 0.43 11.29
C ASN B 347 -5.37 1.13 10.27
N TYR B 348 -5.63 2.41 10.50
CA TYR B 348 -6.53 3.18 9.66
C TYR B 348 -5.69 4.02 8.69
N PRO B 349 -6.32 4.55 7.61
CA PRO B 349 -5.55 5.12 6.49
C PRO B 349 -4.61 6.24 6.88
N ILE B 350 -3.38 6.16 6.38
CA ILE B 350 -2.34 7.14 6.68
C ILE B 350 -2.80 8.57 6.36
N GLU B 351 -3.55 8.75 5.27
CA GLU B 351 -3.94 10.10 4.91
C GLU B 351 -4.94 10.70 5.90
N ALA B 352 -5.73 9.86 6.56
CA ALA B 352 -6.63 10.33 7.62
C ALA B 352 -5.81 10.83 8.81
N ARG B 353 -4.69 10.17 9.10
CA ARG B 353 -3.83 10.59 10.21
C ARG B 353 -3.25 11.96 9.93
N ILE B 354 -2.73 12.12 8.72
CA ILE B 354 -2.11 13.34 8.24
C ILE B 354 -3.06 14.54 8.30
N LYS B 355 -4.26 14.36 7.77
CA LYS B 355 -5.19 15.48 7.68
C LYS B 355 -5.59 15.98 9.07
N ALA B 356 -5.86 15.05 9.97
CA ALA B 356 -6.22 15.40 11.34
C ALA B 356 -5.07 16.09 12.08
N ALA B 357 -3.88 15.49 12.02
CA ALA B 357 -2.70 16.06 12.67
C ALA B 357 -2.37 17.44 12.12
N HIS B 358 -2.44 17.56 10.81
CA HIS B 358 -2.18 18.84 10.16
C HIS B 358 -3.15 19.94 10.65
N ALA B 359 -4.44 19.60 10.72
CA ALA B 359 -5.45 20.55 11.17
C ALA B 359 -5.23 20.95 12.63
N ILE B 360 -4.86 19.98 13.47
CA ILE B 360 -4.62 20.26 14.88
C ILE B 360 -3.37 21.13 15.05
N LEU B 361 -2.31 20.86 14.28
CA LEU B 361 -1.09 21.64 14.41
C LEU B 361 -1.32 23.10 13.97
N ALA B 362 -2.14 23.29 12.95
CA ALA B 362 -2.48 24.64 12.48
C ALA B 362 -3.07 25.49 13.61
N GLN B 363 -3.85 24.84 14.47
CA GLN B 363 -4.45 25.52 15.61
C GLN B 363 -3.44 25.78 16.71
N LEU B 364 -2.69 24.75 17.09
CA LEU B 364 -1.62 24.87 18.09
C LEU B 364 -0.68 26.06 17.83
N ALA B 365 -0.46 26.38 16.55
CA ALA B 365 0.43 27.46 16.18
C ALA B 365 -0.33 28.77 15.94
N GLY B 366 0.26 29.64 15.13
CA GLY B 366 -0.37 30.88 14.71
C GLY B 366 -0.09 31.25 13.26
CD CD C . -34.40 2.11 -11.51
CD CD D . -3.77 -31.28 -19.89
CD CD E . 14.75 4.98 -11.31
CD CD F . 16.79 -0.78 -21.10
CD CD G . 6.01 -12.26 -27.03
CD CD H . -21.85 -3.48 -31.68
CD CD I . -21.62 -17.09 -13.97
CD CD J . -6.51 -23.38 -10.70
CD CD K . -23.80 -6.52 3.47
CD CD L . -12.32 8.74 4.78
CD CD M . -11.29 2.48 7.37
CD CD N . -34.39 -8.62 -9.15
CD CD O . -21.49 3.75 -29.00
CD CD P . -7.92 11.12 -0.06
CD CD Q . 3.69 -18.80 3.78
CD CD R . -4.60 20.22 29.32
CD CD S . 13.45 -21.42 9.21
CD CD T . 24.14 -10.25 14.58
CD CD U . 13.78 9.14 34.64
CD CD V . 6.03 7.08 34.95
CD CD W . 17.28 19.84 33.30
CD CD X . 17.18 19.90 15.82
CD CD Y . 23.84 10.47 3.77
CD CD Z . -0.56 24.04 6.44
#